data_3HL0
#
_entry.id   3HL0
#
_cell.length_a   57.808
_cell.length_b   120.611
_cell.length_c   95.360
_cell.angle_alpha   90.00
_cell.angle_beta   100.10
_cell.angle_gamma   90.00
#
_symmetry.space_group_name_H-M   'C 1 2 1'
#
loop_
_entity.id
_entity.type
_entity.pdbx_description
1 polymer 'Maleylacetate reductase'
2 non-polymer 'CALCIUM ION'
3 non-polymer NICOTINAMIDE-ADENINE-DINUCLEOTIDE
4 non-polymer '4-(2-HYDROXYETHYL)-1-PIPERAZINE ETHANESULFONIC ACID'
5 water water
#
_entity_poly.entity_id   1
_entity_poly.type   'polypeptide(L)'
_entity_poly.pdbx_seq_one_letter_code
;SH(MSE)QPFVY(MSE)AAPARIVFSAGSSADVAEEIRRLGLSRALVLSTPQQKGDAEALASRLGRLAAGVFSEAA
(MSE)HTPVEVTKTAVEAYRAAGADCVVSLGGGSTTGLGKAIALRTDAAQIVIPTTYAGSEVTPILGQTENGVKTT
(MSE)RGPEILPEVVIYDAELTLGLPVAIS(MSE)TSGLNA(MSE)AHAAEALYARDRNPIAS(MSE)(MSE)AVEGLRA
(MSE)IEALPVVRQAPHDIGARETALYGAWLCGTVLGAVG(MSE)SLHHKLCHTLGGSLDLPHAETHAVLLPHTIAYVEE
AAPNLLAPLAALVGGRAGAGLFDFAARLGAPSSLAALGVGADDLDP(MSE)AELATANPYWCPRPIEKTAIRDLLQRAFE
GARPA
;
_entity_poly.pdbx_strand_id   A,B
#
# COMPACT_ATOMS: atom_id res chain seq x y z
N GLN A 4 20.44 -38.32 -0.10
CA GLN A 4 19.03 -38.50 0.17
C GLN A 4 18.35 -38.76 -1.17
N PRO A 5 17.34 -39.65 -1.20
CA PRO A 5 16.48 -39.76 -2.40
C PRO A 5 15.84 -38.40 -2.70
N PHE A 6 15.70 -38.11 -3.98
CA PHE A 6 14.97 -36.93 -4.39
C PHE A 6 14.21 -37.10 -5.67
N VAL A 7 13.35 -36.13 -5.94
CA VAL A 7 12.71 -35.97 -7.21
C VAL A 7 12.97 -34.53 -7.65
N TYR A 8 13.27 -34.35 -8.92
CA TYR A 8 13.42 -32.98 -9.46
C TYR A 8 12.51 -32.85 -10.64
N ALA A 10 11.58 -30.01 -13.54
CA ALA A 10 11.74 -28.72 -14.15
C ALA A 10 10.36 -28.26 -14.63
N ALA A 11 9.96 -27.09 -14.16
CA ALA A 11 8.78 -26.45 -14.69
C ALA A 11 9.15 -25.79 -16.03
N PRO A 12 8.23 -25.81 -17.00
CA PRO A 12 8.52 -25.09 -18.26
C PRO A 12 8.77 -23.62 -17.98
N ALA A 13 9.73 -23.04 -18.69
CA ALA A 13 10.11 -21.67 -18.42
C ALA A 13 10.77 -21.03 -19.63
N ARG A 14 10.47 -19.77 -19.88
CA ARG A 14 11.26 -18.97 -20.81
C ARG A 14 11.55 -17.67 -20.09
N ILE A 15 12.80 -17.50 -19.66
CA ILE A 15 13.20 -16.35 -18.85
C ILE A 15 14.16 -15.50 -19.63
N VAL A 16 13.77 -14.25 -19.91
CA VAL A 16 14.63 -13.30 -20.66
C VAL A 16 15.19 -12.30 -19.66
N PHE A 17 16.51 -12.20 -19.52
CA PHE A 17 17.08 -11.37 -18.45
C PHE A 17 18.11 -10.43 -19.02
N SER A 18 17.84 -9.13 -18.98
CA SER A 18 18.85 -8.15 -19.40
C SER A 18 18.28 -6.75 -19.22
N ALA A 19 19.16 -5.85 -18.79
CA ALA A 19 18.80 -4.42 -18.72
C ALA A 19 18.29 -3.95 -20.08
N GLY A 20 17.07 -3.38 -20.08
CA GLY A 20 16.41 -2.90 -21.31
C GLY A 20 15.58 -3.93 -22.04
N SER A 21 15.52 -5.14 -21.50
CA SER A 21 14.79 -6.23 -22.15
C SER A 21 13.29 -5.98 -22.36
N SER A 22 12.68 -5.05 -21.61
CA SER A 22 11.25 -4.80 -21.79
C SER A 22 11.00 -4.09 -23.14
N ALA A 23 12.08 -3.60 -23.75
CA ALA A 23 12.04 -2.98 -25.09
C ALA A 23 11.73 -4.02 -26.15
N ASP A 24 11.93 -5.29 -25.81
CA ASP A 24 11.77 -6.42 -26.72
C ASP A 24 10.50 -7.26 -26.43
N VAL A 25 9.51 -6.66 -25.77
CA VAL A 25 8.28 -7.38 -25.48
C VAL A 25 7.57 -7.83 -26.76
N ALA A 26 7.58 -6.96 -27.77
CA ALA A 26 7.04 -7.30 -29.07
C ALA A 26 7.55 -8.63 -29.62
N GLU A 27 8.89 -8.81 -29.59
N GLU A 27 8.87 -8.84 -29.59
CA GLU A 27 9.55 -10.07 -29.99
CA GLU A 27 9.43 -10.09 -30.10
C GLU A 27 8.93 -11.28 -29.31
C GLU A 27 8.97 -11.32 -29.30
N GLU A 28 8.73 -11.17 -28.00
CA GLU A 28 8.22 -12.27 -27.20
C GLU A 28 6.78 -12.59 -27.51
N ILE A 29 5.98 -11.56 -27.77
CA ILE A 29 4.59 -11.76 -28.17
C ILE A 29 4.58 -12.56 -29.47
N ARG A 30 5.40 -12.12 -30.42
CA ARG A 30 5.44 -12.77 -31.73
C ARG A 30 5.91 -14.22 -31.64
N ARG A 31 6.88 -14.46 -30.75
CA ARG A 31 7.49 -15.79 -30.56
C ARG A 31 6.46 -16.83 -30.05
N LEU A 32 5.48 -16.38 -29.29
CA LEU A 32 4.34 -17.22 -28.91
C LEU A 32 3.31 -17.41 -30.04
N GLY A 33 3.52 -16.77 -31.19
CA GLY A 33 2.52 -16.78 -32.27
C GLY A 33 1.26 -16.00 -31.97
N LEU A 34 1.39 -15.02 -31.07
CA LEU A 34 0.26 -14.19 -30.63
C LEU A 34 0.40 -12.74 -31.14
N SER A 35 -0.64 -11.93 -30.97
CA SER A 35 -0.63 -10.61 -31.60
C SER A 35 -1.42 -9.50 -30.90
N ARG A 36 -2.07 -9.81 -29.77
CA ARG A 36 -3.01 -8.89 -29.15
C ARG A 36 -2.92 -8.91 -27.61
N ALA A 37 -2.00 -8.15 -27.07
CA ALA A 37 -1.75 -8.18 -25.62
C ALA A 37 -2.61 -7.23 -24.83
N LEU A 38 -3.16 -7.70 -23.70
CA LEU A 38 -3.75 -6.78 -22.74
C LEU A 38 -2.70 -6.49 -21.66
N VAL A 39 -2.25 -5.23 -21.57
CA VAL A 39 -1.21 -4.88 -20.60
C VAL A 39 -1.87 -4.61 -19.24
N LEU A 40 -1.33 -5.17 -18.16
CA LEU A 40 -1.93 -5.07 -16.85
C LEU A 40 -1.02 -4.29 -15.89
N SER A 41 -1.64 -3.51 -15.00
CA SER A 41 -0.91 -2.85 -13.90
C SER A 41 -1.85 -2.46 -12.76
N THR A 42 -1.26 -2.05 -11.66
CA THR A 42 -1.97 -1.32 -10.62
C THR A 42 -2.11 0.16 -11.01
N PRO A 43 -2.90 0.93 -10.25
CA PRO A 43 -2.88 2.39 -10.50
C PRO A 43 -1.51 3.05 -10.30
N GLN A 44 -0.70 2.48 -9.41
CA GLN A 44 0.61 3.06 -9.08
C GLN A 44 1.65 2.85 -10.17
N GLN A 45 1.33 2.02 -11.16
CA GLN A 45 2.22 1.78 -12.29
C GLN A 45 1.51 1.98 -13.65
N LYS A 46 0.42 2.74 -13.64
CA LYS A 46 -0.43 2.92 -14.82
C LYS A 46 0.30 3.65 -15.97
N GLY A 47 1.11 4.64 -15.59
CA GLY A 47 1.87 5.40 -16.58
C GLY A 47 2.79 4.47 -17.36
N ASP A 48 3.50 3.60 -16.64
CA ASP A 48 4.43 2.66 -17.28
C ASP A 48 3.71 1.65 -18.20
N ALA A 49 2.55 1.19 -17.74
CA ALA A 49 1.72 0.25 -18.52
C ALA A 49 1.22 0.89 -19.80
N GLU A 50 0.81 2.15 -19.68
CA GLU A 50 0.38 2.91 -20.84
C GLU A 50 1.54 3.19 -21.80
N ALA A 51 2.73 3.47 -21.27
CA ALA A 51 3.88 3.75 -22.14
C ALA A 51 4.27 2.48 -22.91
N LEU A 52 4.28 1.34 -22.20
CA LEU A 52 4.55 0.05 -22.88
C LEU A 52 3.51 -0.26 -23.97
N ALA A 53 2.25 -0.12 -23.62
CA ALA A 53 1.20 -0.35 -24.60
C ALA A 53 1.39 0.51 -25.85
N SER A 54 1.73 1.78 -25.62
CA SER A 54 2.00 2.69 -26.72
C SER A 54 3.12 2.18 -27.65
N ARG A 55 4.21 1.72 -27.07
CA ARG A 55 5.34 1.26 -27.88
C ARG A 55 4.99 -0.02 -28.64
N LEU A 56 4.10 -0.83 -28.07
CA LEU A 56 3.68 -2.08 -28.74
C LEU A 56 2.86 -1.88 -30.00
N GLY A 57 2.28 -0.68 -30.15
CA GLY A 57 1.49 -0.36 -31.35
C GLY A 57 0.35 -1.34 -31.47
N ARG A 58 0.26 -2.01 -32.61
CA ARG A 58 -0.87 -2.90 -32.93
C ARG A 58 -0.82 -4.20 -32.14
N LEU A 59 0.32 -4.47 -31.50
CA LEU A 59 0.45 -5.65 -30.66
C LEU A 59 -0.21 -5.46 -29.31
N ALA A 60 -0.59 -4.22 -28.99
CA ALA A 60 -1.28 -3.98 -27.71
C ALA A 60 -2.77 -3.81 -27.99
N ALA A 61 -3.55 -4.73 -27.41
CA ALA A 61 -5.01 -4.72 -27.55
C ALA A 61 -5.69 -3.77 -26.56
N GLY A 62 -5.01 -3.44 -25.47
CA GLY A 62 -5.58 -2.60 -24.41
C GLY A 62 -4.71 -2.55 -23.16
N VAL A 63 -5.14 -1.72 -22.21
CA VAL A 63 -4.47 -1.53 -20.91
C VAL A 63 -5.52 -1.58 -19.81
N PHE A 64 -5.32 -2.49 -18.85
CA PHE A 64 -6.20 -2.55 -17.69
C PHE A 64 -5.32 -2.26 -16.47
N SER A 65 -5.53 -1.11 -15.84
CA SER A 65 -4.62 -0.62 -14.81
C SER A 65 -5.29 -0.57 -13.42
N GLU A 66 -6.16 -1.52 -13.16
CA GLU A 66 -6.85 -1.52 -11.86
C GLU A 66 -6.53 -2.73 -10.99
N ALA A 67 -5.35 -3.33 -11.19
CA ALA A 67 -4.95 -4.47 -10.38
C ALA A 67 -4.98 -4.04 -8.93
N ALA A 68 -5.48 -4.92 -8.08
CA ALA A 68 -5.84 -4.56 -6.72
C ALA A 68 -5.15 -5.49 -5.74
N HIS A 70 -4.54 -8.26 -3.22
CA HIS A 70 -5.17 -9.53 -2.83
C HIS A 70 -6.07 -10.12 -3.90
N THR A 71 -5.96 -9.62 -5.13
CA THR A 71 -6.58 -10.23 -6.33
C THR A 71 -8.07 -10.56 -6.06
N PRO A 72 -8.88 -9.54 -5.76
CA PRO A 72 -10.30 -9.83 -5.49
C PRO A 72 -11.05 -10.26 -6.77
N VAL A 73 -11.93 -11.24 -6.63
N VAL A 73 -11.94 -11.24 -6.63
CA VAL A 73 -12.62 -11.83 -7.78
CA VAL A 73 -12.61 -11.82 -7.81
C VAL A 73 -13.43 -10.83 -8.62
C VAL A 73 -13.44 -10.83 -8.64
N GLU A 74 -13.99 -9.80 -8.00
CA GLU A 74 -14.79 -8.83 -8.77
C GLU A 74 -13.94 -7.99 -9.72
N VAL A 75 -12.72 -7.66 -9.31
CA VAL A 75 -11.77 -7.00 -10.19
C VAL A 75 -11.35 -7.95 -11.33
N THR A 76 -11.06 -9.20 -10.98
CA THR A 76 -10.72 -10.16 -12.03
C THR A 76 -11.85 -10.31 -13.06
N LYS A 77 -13.08 -10.38 -12.59
CA LYS A 77 -14.23 -10.47 -13.55
C LYS A 77 -14.24 -9.31 -14.53
N THR A 78 -14.05 -8.10 -14.02
CA THR A 78 -13.94 -6.89 -14.84
C THR A 78 -12.76 -6.95 -15.82
N ALA A 79 -11.62 -7.47 -15.36
CA ALA A 79 -10.45 -7.58 -16.22
C ALA A 79 -10.66 -8.60 -17.34
N VAL A 80 -11.34 -9.70 -17.01
CA VAL A 80 -11.66 -10.70 -18.01
C VAL A 80 -12.61 -10.14 -19.06
N GLU A 81 -13.59 -9.35 -18.62
CA GLU A 81 -14.45 -8.65 -19.58
C GLU A 81 -13.60 -7.75 -20.48
N ALA A 82 -12.59 -7.07 -19.91
CA ALA A 82 -11.70 -6.21 -20.69
C ALA A 82 -10.84 -7.01 -21.68
N TYR A 83 -10.33 -8.16 -21.23
CA TYR A 83 -9.57 -9.10 -22.07
C TYR A 83 -10.40 -9.55 -23.28
N ARG A 84 -11.66 -9.90 -23.00
CA ARG A 84 -12.55 -10.35 -24.08
C ARG A 84 -12.86 -9.22 -25.04
N ALA A 85 -13.29 -8.09 -24.49
CA ALA A 85 -13.68 -6.95 -25.35
C ALA A 85 -12.55 -6.47 -26.26
N ALA A 86 -11.33 -6.53 -25.73
CA ALA A 86 -10.13 -6.16 -26.50
C ALA A 86 -9.71 -7.17 -27.56
N GLY A 87 -10.29 -8.38 -27.53
CA GLY A 87 -9.86 -9.46 -28.41
C GLY A 87 -8.42 -9.88 -28.15
N ALA A 88 -8.00 -9.75 -26.89
CA ALA A 88 -6.66 -10.12 -26.50
C ALA A 88 -6.41 -11.62 -26.61
N ASP A 89 -5.16 -11.99 -26.84
CA ASP A 89 -4.78 -13.41 -26.84
C ASP A 89 -3.68 -13.68 -25.81
N CYS A 90 -3.29 -12.64 -25.07
CA CYS A 90 -2.36 -12.80 -23.95
C CYS A 90 -2.44 -11.60 -23.02
N VAL A 91 -1.82 -11.74 -21.84
CA VAL A 91 -1.69 -10.62 -20.92
C VAL A 91 -0.22 -10.33 -20.73
N VAL A 92 0.09 -9.05 -20.56
CA VAL A 92 1.45 -8.64 -20.24
C VAL A 92 1.31 -7.99 -18.87
N SER A 93 1.85 -8.65 -17.85
CA SER A 93 1.66 -8.19 -16.48
C SER A 93 2.86 -7.39 -16.06
N LEU A 94 2.70 -6.07 -15.92
CA LEU A 94 3.85 -5.20 -15.60
C LEU A 94 3.69 -4.72 -14.16
N GLY A 95 4.48 -5.26 -13.23
CA GLY A 95 4.29 -4.87 -11.81
C GLY A 95 4.79 -5.94 -10.87
N GLY A 96 4.37 -5.84 -9.60
CA GLY A 96 4.76 -6.79 -8.58
C GLY A 96 3.77 -7.96 -8.47
N GLY A 97 3.83 -8.66 -7.36
CA GLY A 97 3.02 -9.84 -7.10
C GLY A 97 1.53 -9.55 -7.29
N SER A 98 1.05 -8.37 -6.93
CA SER A 98 -0.39 -8.13 -7.14
C SER A 98 -0.78 -8.08 -8.62
N THR A 99 0.10 -7.56 -9.47
CA THR A 99 -0.19 -7.49 -10.90
C THR A 99 0.00 -8.88 -11.54
N THR A 100 1.05 -9.58 -11.14
CA THR A 100 1.22 -10.97 -11.60
C THR A 100 0.03 -11.80 -11.21
N GLY A 101 -0.50 -11.59 -9.99
CA GLY A 101 -1.68 -12.35 -9.54
C GLY A 101 -2.92 -12.08 -10.41
N LEU A 102 -3.13 -10.83 -10.82
CA LEU A 102 -4.24 -10.52 -11.73
C LEU A 102 -4.08 -11.25 -13.07
N GLY A 103 -2.87 -11.25 -13.63
CA GLY A 103 -2.65 -11.97 -14.90
C GLY A 103 -2.89 -13.46 -14.74
N LYS A 104 -2.50 -14.00 -13.59
CA LYS A 104 -2.72 -15.42 -13.32
C LYS A 104 -4.21 -15.71 -13.21
N ALA A 105 -4.97 -14.83 -12.55
CA ALA A 105 -6.40 -15.04 -12.38
C ALA A 105 -7.14 -14.94 -13.71
N ILE A 106 -6.67 -14.07 -14.60
CA ILE A 106 -7.23 -13.96 -15.97
C ILE A 106 -6.88 -15.24 -16.73
N ALA A 107 -5.64 -15.70 -16.65
CA ALA A 107 -5.25 -16.96 -17.31
C ALA A 107 -6.09 -18.14 -16.82
N LEU A 108 -6.39 -18.21 -15.53
CA LEU A 108 -7.23 -19.30 -15.00
C LEU A 108 -8.59 -19.39 -15.71
N ARG A 109 -9.12 -18.22 -16.10
CA ARG A 109 -10.48 -18.12 -16.58
C ARG A 109 -10.56 -18.12 -18.11
N THR A 110 -9.44 -17.84 -18.78
CA THR A 110 -9.47 -17.63 -20.22
C THR A 110 -8.40 -18.42 -20.97
N ASP A 111 -7.50 -19.07 -20.22
CA ASP A 111 -6.28 -19.68 -20.75
C ASP A 111 -5.36 -18.70 -21.54
N ALA A 112 -5.47 -17.39 -21.26
CA ALA A 112 -4.55 -16.39 -21.84
C ALA A 112 -3.12 -16.85 -21.58
N ALA A 113 -2.24 -16.68 -22.57
CA ALA A 113 -0.82 -16.82 -22.28
C ALA A 113 -0.38 -15.59 -21.47
N GLN A 114 0.62 -15.76 -20.60
CA GLN A 114 1.13 -14.66 -19.76
C GLN A 114 2.57 -14.34 -20.09
N ILE A 115 2.86 -13.05 -20.30
CA ILE A 115 4.22 -12.54 -20.34
C ILE A 115 4.29 -11.63 -19.10
N VAL A 116 5.15 -11.98 -18.15
CA VAL A 116 5.20 -11.21 -16.90
C VAL A 116 6.47 -10.41 -16.92
N ILE A 117 6.35 -9.12 -16.55
CA ILE A 117 7.49 -8.20 -16.46
C ILE A 117 7.55 -7.76 -14.98
N PRO A 118 8.28 -8.54 -14.13
CA PRO A 118 8.23 -8.31 -12.67
C PRO A 118 8.99 -7.06 -12.30
N THR A 119 8.48 -6.31 -11.31
CA THR A 119 9.16 -5.07 -10.91
C THR A 119 9.39 -5.05 -9.39
N THR A 120 9.12 -6.17 -8.73
CA THR A 120 9.50 -6.34 -7.31
C THR A 120 10.25 -7.64 -7.17
N TYR A 121 10.45 -8.10 -5.93
CA TYR A 121 11.20 -9.31 -5.66
C TYR A 121 10.32 -10.46 -5.19
N ALA A 122 9.02 -10.32 -5.37
CA ALA A 122 8.04 -11.32 -4.85
C ALA A 122 8.22 -12.71 -5.46
N GLY A 123 8.57 -12.77 -6.76
CA GLY A 123 8.85 -14.09 -7.36
C GLY A 123 7.65 -14.86 -7.89
N SER A 124 6.44 -14.29 -7.80
CA SER A 124 5.18 -14.98 -8.28
C SER A 124 5.29 -15.37 -9.74
N GLU A 125 6.06 -14.60 -10.52
CA GLU A 125 6.21 -14.83 -11.97
C GLU A 125 6.68 -16.24 -12.37
N VAL A 126 7.32 -16.95 -11.43
CA VAL A 126 7.78 -18.33 -11.71
C VAL A 126 7.19 -19.36 -10.75
N THR A 127 5.98 -19.07 -10.27
CA THR A 127 5.28 -20.06 -9.47
C THR A 127 3.90 -20.38 -10.07
N PRO A 128 3.38 -21.59 -9.79
CA PRO A 128 2.06 -21.93 -10.29
C PRO A 128 0.95 -21.62 -9.25
N ILE A 129 1.26 -20.74 -8.29
CA ILE A 129 0.35 -20.49 -7.16
C ILE A 129 -0.45 -19.22 -7.37
N LEU A 130 -1.76 -19.24 -7.06
CA LEU A 130 -2.58 -18.04 -7.17
C LEU A 130 -3.44 -17.87 -5.90
N GLY A 131 -3.32 -16.70 -5.26
CA GLY A 131 -4.20 -16.30 -4.14
C GLY A 131 -5.23 -15.30 -4.64
N GLN A 132 -6.49 -15.46 -4.16
CA GLN A 132 -7.56 -14.57 -4.56
C GLN A 132 -8.39 -14.22 -3.32
N THR A 133 -9.17 -13.17 -3.40
CA THR A 133 -10.09 -12.83 -2.32
C THR A 133 -11.48 -12.97 -2.90
N GLU A 134 -12.30 -13.78 -2.23
CA GLU A 134 -13.66 -13.96 -2.64
C GLU A 134 -14.54 -13.94 -1.40
N ASN A 135 -15.60 -13.15 -1.43
CA ASN A 135 -16.50 -12.98 -0.27
C ASN A 135 -15.71 -12.67 0.99
N GLY A 136 -14.72 -11.79 0.85
CA GLY A 136 -13.94 -11.27 1.96
C GLY A 136 -12.88 -12.21 2.53
N VAL A 137 -12.71 -13.39 1.94
CA VAL A 137 -11.74 -14.37 2.45
C VAL A 137 -10.70 -14.70 1.38
N LYS A 138 -9.45 -14.83 1.83
CA LYS A 138 -8.32 -15.11 0.95
C LYS A 138 -8.22 -16.63 0.71
N THR A 139 -8.21 -17.05 -0.55
CA THR A 139 -8.13 -18.46 -0.94
C THR A 139 -6.83 -18.68 -1.71
N THR A 140 -6.37 -19.93 -1.81
CA THR A 140 -5.14 -20.23 -2.54
C THR A 140 -5.35 -21.49 -3.34
N ARG A 142 -3.22 -23.88 -6.86
CA ARG A 142 -2.08 -23.97 -7.73
C ARG A 142 -2.36 -24.95 -8.86
N GLY A 143 -1.65 -24.77 -9.96
CA GLY A 143 -1.75 -25.71 -11.08
C GLY A 143 -0.99 -25.21 -12.28
N PRO A 144 -0.73 -26.10 -13.26
CA PRO A 144 0.06 -25.77 -14.45
C PRO A 144 -0.55 -24.65 -15.30
N GLU A 145 -1.87 -24.50 -15.25
CA GLU A 145 -2.57 -23.42 -15.98
C GLU A 145 -2.30 -22.01 -15.39
N ILE A 146 -1.67 -21.96 -14.22
CA ILE A 146 -1.36 -20.64 -13.59
C ILE A 146 0.06 -20.18 -13.91
N LEU A 147 0.98 -21.14 -14.08
CA LEU A 147 2.40 -20.82 -14.32
C LEU A 147 2.60 -19.94 -15.56
N PRO A 148 3.18 -18.74 -15.40
CA PRO A 148 3.36 -17.90 -16.61
C PRO A 148 4.31 -18.49 -17.67
N GLU A 149 3.95 -18.28 -18.93
CA GLU A 149 4.73 -18.78 -20.05
C GLU A 149 6.08 -18.11 -20.21
N VAL A 150 6.13 -16.79 -20.04
CA VAL A 150 7.35 -16.05 -20.36
C VAL A 150 7.58 -15.01 -19.25
N VAL A 151 8.82 -14.85 -18.81
CA VAL A 151 9.11 -13.78 -17.85
C VAL A 151 10.23 -12.93 -18.44
N ILE A 152 10.04 -11.61 -18.45
CA ILE A 152 11.06 -10.66 -18.93
C ILE A 152 11.56 -9.89 -17.73
N TYR A 153 12.81 -10.13 -17.36
CA TYR A 153 13.42 -9.42 -16.24
C TYR A 153 14.27 -8.27 -16.75
N ASP A 154 13.80 -7.06 -16.43
CA ASP A 154 14.49 -5.85 -16.89
C ASP A 154 14.82 -4.99 -15.67
N ALA A 155 16.07 -5.08 -15.20
CA ALA A 155 16.41 -4.42 -13.92
C ALA A 155 16.21 -2.89 -14.01
N GLU A 156 16.17 -2.31 -15.21
CA GLU A 156 15.92 -0.85 -15.31
C GLU A 156 14.55 -0.46 -14.71
N LEU A 157 13.58 -1.38 -14.77
CA LEU A 157 12.23 -1.15 -14.30
C LEU A 157 12.14 -1.20 -12.76
N THR A 158 13.21 -1.64 -12.14
CA THR A 158 13.29 -1.68 -10.67
C THR A 158 14.04 -0.52 -10.06
N LEU A 159 14.64 0.35 -10.87
CA LEU A 159 15.41 1.46 -10.31
C LEU A 159 14.45 2.32 -9.47
N GLY A 160 13.20 2.38 -9.90
CA GLY A 160 12.19 3.22 -9.25
C GLY A 160 11.44 2.55 -8.11
N LEU A 161 11.86 1.33 -7.76
CA LEU A 161 11.15 0.65 -6.67
C LEU A 161 11.62 1.32 -5.36
N PRO A 162 10.68 1.84 -4.55
CA PRO A 162 11.12 2.59 -3.37
C PRO A 162 11.97 1.73 -2.43
N VAL A 163 12.86 2.39 -1.70
CA VAL A 163 13.80 1.68 -0.87
C VAL A 163 13.12 0.79 0.18
N ALA A 164 12.11 1.30 0.87
CA ALA A 164 11.51 0.48 1.95
C ALA A 164 10.91 -0.83 1.43
N ILE A 165 10.10 -0.78 0.38
CA ILE A 165 9.51 -2.01 -0.21
C ILE A 165 10.60 -2.86 -0.89
N SER A 166 11.65 -2.22 -1.40
CA SER A 166 12.79 -3.00 -1.97
C SER A 166 13.37 -3.93 -0.87
N THR A 168 11.86 -4.96 2.10
CA THR A 168 10.95 -5.99 2.63
C THR A 168 10.60 -7.02 1.54
N SER A 169 10.43 -6.57 0.28
CA SER A 169 10.21 -7.53 -0.78
C SER A 169 11.44 -8.42 -0.95
N GLY A 170 12.65 -7.85 -0.76
CA GLY A 170 13.90 -8.64 -0.87
C GLY A 170 13.92 -9.70 0.21
N LEU A 171 13.48 -9.35 1.44
CA LEU A 171 13.39 -10.36 2.50
C LEU A 171 12.31 -11.41 2.21
N ASN A 172 11.19 -11.01 1.56
CA ASN A 172 10.18 -11.98 1.11
C ASN A 172 10.78 -13.02 0.16
N ALA A 173 11.62 -12.54 -0.77
CA ALA A 173 12.33 -13.47 -1.68
C ALA A 173 13.21 -14.42 -0.87
N ALA A 175 12.92 -15.40 2.07
CA ALA A 175 12.14 -16.40 2.79
C ALA A 175 11.84 -17.66 1.96
N HIS A 176 11.55 -17.48 0.66
CA HIS A 176 11.28 -18.62 -0.23
C HIS A 176 12.53 -19.52 -0.24
N ALA A 177 13.71 -18.91 -0.38
CA ALA A 177 14.97 -19.70 -0.44
C ALA A 177 15.29 -20.39 0.86
N ALA A 178 15.09 -19.68 1.98
CA ALA A 178 15.42 -20.21 3.26
C ALA A 178 14.58 -21.48 3.54
N GLU A 179 13.27 -21.40 3.27
CA GLU A 179 12.42 -22.57 3.52
C GLU A 179 12.68 -23.70 2.51
N ALA A 180 13.09 -23.34 1.29
CA ALA A 180 13.42 -24.38 0.32
C ALA A 180 14.53 -25.31 0.86
N LEU A 181 15.44 -24.77 1.66
CA LEU A 181 16.56 -25.60 2.14
C LEU A 181 16.11 -26.79 2.99
N TYR A 182 14.96 -26.67 3.66
CA TYR A 182 14.48 -27.75 4.51
C TYR A 182 13.15 -28.31 4.09
N ALA A 183 12.75 -28.03 2.83
CA ALA A 183 11.51 -28.62 2.30
C ALA A 183 11.48 -30.14 2.46
N ARG A 184 10.29 -30.67 2.68
CA ARG A 184 10.14 -32.12 2.75
C ARG A 184 10.57 -32.75 1.42
N ASP A 185 10.24 -32.07 0.33
CA ASP A 185 10.60 -32.53 -1.04
C ASP A 185 11.78 -31.73 -1.61
N ARG A 186 12.71 -31.40 -0.71
N ARG A 186 12.69 -31.37 -0.71
CA ARG A 186 13.93 -30.72 -1.09
CA ARG A 186 13.89 -30.68 -1.15
C ARG A 186 14.75 -31.57 -2.09
C ARG A 186 14.56 -31.54 -2.25
N ASN A 187 15.43 -30.89 -3.00
CA ASN A 187 16.29 -31.61 -3.96
C ASN A 187 17.54 -30.76 -4.16
N PRO A 188 18.59 -31.36 -4.73
CA PRO A 188 19.87 -30.64 -4.82
C PRO A 188 19.82 -29.38 -5.71
N ILE A 189 19.02 -29.38 -6.77
CA ILE A 189 18.94 -28.25 -7.70
C ILE A 189 18.25 -27.08 -6.96
N ALA A 190 17.09 -27.35 -6.34
CA ALA A 190 16.39 -26.30 -5.59
C ALA A 190 17.32 -25.81 -4.47
N SER A 191 18.03 -26.71 -3.80
CA SER A 191 18.94 -26.25 -2.75
C SER A 191 20.08 -25.37 -3.25
N ALA A 194 18.60 -22.05 -4.18
CA ALA A 194 18.25 -21.28 -2.94
C ALA A 194 19.46 -20.62 -2.33
N VAL A 195 20.57 -21.34 -2.24
CA VAL A 195 21.76 -20.75 -1.65
C VAL A 195 22.26 -19.58 -2.52
N GLU A 196 22.26 -19.77 -3.84
CA GLU A 196 22.71 -18.71 -4.74
C GLU A 196 21.76 -17.49 -4.66
N GLY A 197 20.45 -17.72 -4.59
CA GLY A 197 19.48 -16.63 -4.43
C GLY A 197 19.73 -15.87 -3.14
N LEU A 198 19.93 -16.59 -2.04
CA LEU A 198 20.31 -15.91 -0.76
C LEU A 198 21.59 -15.11 -0.87
N ARG A 199 22.62 -15.68 -1.50
N ARG A 199 22.63 -15.70 -1.50
CA ARG A 199 23.89 -14.98 -1.64
CA ARG A 199 23.90 -15.00 -1.73
C ARG A 199 23.74 -13.68 -2.45
C ARG A 199 23.64 -13.67 -2.39
N ALA A 200 22.90 -13.71 -3.50
CA ALA A 200 22.62 -12.56 -4.32
C ALA A 200 21.87 -11.48 -3.53
N ILE A 202 21.72 -11.07 -0.24
CA ILE A 202 22.54 -10.58 0.92
C ILE A 202 23.59 -9.59 0.40
N GLU A 203 24.13 -9.86 -0.78
CA GLU A 203 25.07 -8.94 -1.41
C GLU A 203 24.41 -7.64 -1.86
N ALA A 204 23.28 -7.77 -2.56
CA ALA A 204 22.67 -6.67 -3.30
C ALA A 204 21.85 -5.74 -2.42
N LEU A 205 21.05 -6.26 -1.49
CA LEU A 205 20.08 -5.36 -0.81
C LEU A 205 20.76 -4.20 -0.03
N PRO A 206 21.90 -4.44 0.68
CA PRO A 206 22.54 -3.29 1.38
C PRO A 206 23.03 -2.22 0.41
N VAL A 207 23.46 -2.64 -0.79
CA VAL A 207 23.87 -1.70 -1.85
C VAL A 207 22.70 -0.94 -2.43
N VAL A 208 21.62 -1.66 -2.73
CA VAL A 208 20.39 -1.02 -3.19
C VAL A 208 19.86 0.04 -2.18
N ARG A 209 20.01 -0.23 -0.89
CA ARG A 209 19.48 0.68 0.14
C ARG A 209 20.19 2.04 0.01
N GLN A 210 21.50 2.00 -0.17
CA GLN A 210 22.32 3.22 -0.24
C GLN A 210 22.28 3.86 -1.63
N ALA A 211 22.05 3.05 -2.65
CA ALA A 211 22.05 3.57 -4.01
C ALA A 211 20.99 2.89 -4.84
N PRO A 212 19.73 3.33 -4.73
CA PRO A 212 18.62 2.67 -5.41
C PRO A 212 18.71 2.72 -6.93
N HIS A 213 19.50 3.67 -7.43
CA HIS A 213 19.72 3.87 -8.86
C HIS A 213 20.89 3.04 -9.42
N ASP A 214 21.59 2.27 -8.57
CA ASP A 214 22.76 1.46 -8.99
C ASP A 214 22.25 0.23 -9.78
N ILE A 215 22.49 0.23 -11.09
CA ILE A 215 21.88 -0.78 -11.96
C ILE A 215 22.53 -2.12 -11.68
N GLY A 216 23.81 -2.15 -11.34
CA GLY A 216 24.49 -3.42 -11.02
C GLY A 216 23.87 -4.11 -9.82
N ALA A 217 23.67 -3.33 -8.76
CA ALA A 217 23.03 -3.89 -7.56
C ALA A 217 21.58 -4.33 -7.86
N ARG A 218 20.84 -3.53 -8.62
CA ARG A 218 19.49 -3.89 -9.03
C ARG A 218 19.48 -5.19 -9.84
N GLU A 219 20.44 -5.35 -10.75
CA GLU A 219 20.50 -6.59 -11.53
C GLU A 219 20.68 -7.79 -10.61
N THR A 220 21.59 -7.65 -9.67
CA THR A 220 21.94 -8.74 -8.78
C THR A 220 20.71 -9.08 -7.93
N ALA A 221 20.03 -8.06 -7.42
CA ALA A 221 18.84 -8.38 -6.59
C ALA A 221 17.73 -9.04 -7.41
N LEU A 222 17.52 -8.60 -8.64
CA LEU A 222 16.48 -9.20 -9.46
C LEU A 222 16.81 -10.67 -9.83
N TYR A 223 18.08 -10.91 -10.16
CA TYR A 223 18.56 -12.27 -10.39
C TYR A 223 18.29 -13.12 -9.13
N GLY A 224 18.60 -12.61 -7.96
CA GLY A 224 18.34 -13.36 -6.72
C GLY A 224 16.84 -13.63 -6.60
N ALA A 225 16.01 -12.64 -6.90
CA ALA A 225 14.55 -12.81 -6.79
C ALA A 225 14.01 -13.91 -7.70
N TRP A 226 14.59 -13.99 -8.89
CA TRP A 226 14.24 -15.06 -9.82
C TRP A 226 14.56 -16.44 -9.26
N LEU A 227 15.76 -16.61 -8.71
CA LEU A 227 16.11 -17.91 -8.14
C LEU A 227 15.23 -18.23 -6.95
N CYS A 228 14.97 -17.22 -6.10
CA CYS A 228 14.12 -17.46 -4.92
C CYS A 228 12.70 -17.81 -5.32
N GLY A 229 12.15 -17.14 -6.33
CA GLY A 229 10.82 -17.49 -6.81
C GLY A 229 10.76 -18.87 -7.42
N THR A 230 11.83 -19.26 -8.08
CA THR A 230 11.86 -20.55 -8.76
C THR A 230 11.73 -21.65 -7.72
N VAL A 231 12.42 -21.51 -6.60
CA VAL A 231 12.30 -22.58 -5.60
C VAL A 231 10.97 -22.55 -4.85
N LEU A 232 10.38 -21.36 -4.68
CA LEU A 232 8.97 -21.26 -4.20
C LEU A 232 8.05 -22.07 -5.12
N GLY A 233 8.34 -21.99 -6.42
CA GLY A 233 7.55 -22.72 -7.41
C GLY A 233 7.72 -24.22 -7.35
N ALA A 234 8.88 -24.69 -6.90
CA ALA A 234 9.36 -26.09 -7.10
C ALA A 234 9.11 -26.99 -5.90
N VAL A 235 9.37 -26.48 -4.69
CA VAL A 235 9.33 -27.33 -3.51
C VAL A 235 8.36 -26.78 -2.46
N GLY A 236 8.05 -27.58 -1.45
CA GLY A 236 7.04 -27.18 -0.49
C GLY A 236 7.61 -26.24 0.57
N SER A 238 6.79 -24.18 4.37
CA SER A 238 6.47 -24.75 5.67
C SER A 238 6.05 -23.62 6.61
N LEU A 239 6.51 -23.66 7.85
CA LEU A 239 6.05 -22.76 8.89
C LEU A 239 6.07 -21.28 8.46
N HIS A 240 7.16 -20.84 7.86
CA HIS A 240 7.23 -19.42 7.58
C HIS A 240 6.12 -18.96 6.68
N HIS A 241 5.96 -19.62 5.54
CA HIS A 241 4.94 -19.12 4.58
C HIS A 241 3.52 -19.37 5.14
N LYS A 242 3.31 -20.49 5.84
CA LYS A 242 1.97 -20.76 6.44
C LYS A 242 1.59 -19.70 7.45
N LEU A 243 2.54 -19.36 8.32
CA LEU A 243 2.28 -18.36 9.37
C LEU A 243 2.04 -16.99 8.75
N CYS A 244 2.80 -16.60 7.72
CA CYS A 244 2.58 -15.31 7.10
C CYS A 244 1.19 -15.27 6.47
N HIS A 245 0.77 -16.37 5.86
N HIS A 245 0.79 -16.37 5.84
CA HIS A 245 -0.55 -16.41 5.26
CA HIS A 245 -0.54 -16.45 5.26
C HIS A 245 -1.64 -16.31 6.33
C HIS A 245 -1.60 -16.28 6.34
N THR A 246 -1.46 -16.98 7.46
CA THR A 246 -2.44 -16.91 8.57
C THR A 246 -2.55 -15.51 9.11
N LEU A 247 -1.42 -14.91 9.47
CA LEU A 247 -1.47 -13.55 10.02
C LEU A 247 -1.92 -12.54 9.00
N GLY A 248 -1.40 -12.68 7.79
CA GLY A 248 -1.74 -11.78 6.69
C GLY A 248 -3.20 -11.78 6.41
N GLY A 249 -3.78 -12.96 6.31
CA GLY A 249 -5.19 -13.14 6.04
C GLY A 249 -6.15 -12.73 7.14
N SER A 250 -5.80 -13.01 8.40
N SER A 250 -5.82 -13.04 8.39
CA SER A 250 -6.70 -12.80 9.54
CA SER A 250 -6.72 -12.79 9.50
C SER A 250 -6.64 -11.38 10.07
C SER A 250 -6.68 -11.30 9.84
N LEU A 251 -5.47 -10.75 9.92
CA LEU A 251 -5.26 -9.38 10.43
C LEU A 251 -5.05 -8.32 9.35
N ASP A 252 -5.04 -8.71 8.09
N ASP A 252 -5.12 -8.73 8.07
CA ASP A 252 -4.87 -7.76 6.99
CA ASP A 252 -4.84 -7.86 6.91
C ASP A 252 -3.54 -7.01 7.03
C ASP A 252 -3.55 -7.04 7.03
N LEU A 253 -2.47 -7.73 7.38
CA LEU A 253 -1.15 -7.11 7.50
C LEU A 253 -0.51 -6.88 6.14
N PRO A 254 0.34 -5.85 6.02
CA PRO A 254 1.07 -5.63 4.78
C PRO A 254 1.92 -6.88 4.47
N HIS A 255 1.86 -7.33 3.24
CA HIS A 255 2.42 -8.64 2.85
C HIS A 255 3.95 -8.76 3.05
N ALA A 256 4.71 -7.94 2.32
CA ALA A 256 6.16 -8.10 2.36
C ALA A 256 6.70 -7.82 3.76
N GLU A 257 6.08 -6.86 4.46
CA GLU A 257 6.53 -6.51 5.81
C GLU A 257 6.31 -7.65 6.80
N THR A 258 5.23 -8.39 6.62
CA THR A 258 4.95 -9.58 7.49
C THR A 258 6.07 -10.62 7.34
N HIS A 259 6.47 -10.85 6.09
CA HIS A 259 7.62 -11.75 5.83
C HIS A 259 8.89 -11.25 6.45
N ALA A 260 9.16 -9.95 6.34
CA ALA A 260 10.38 -9.42 6.90
C ALA A 260 10.43 -9.54 8.40
N VAL A 261 9.31 -9.23 9.05
CA VAL A 261 9.26 -9.33 10.51
C VAL A 261 9.40 -10.77 11.04
N LEU A 262 8.68 -11.68 10.40
CA LEU A 262 8.62 -13.07 10.92
C LEU A 262 9.88 -13.87 10.59
N LEU A 263 10.51 -13.59 9.44
CA LEU A 263 11.55 -14.53 8.88
C LEU A 263 12.64 -14.93 9.93
N PRO A 264 13.18 -13.99 10.71
CA PRO A 264 14.25 -14.44 11.64
C PRO A 264 13.72 -15.44 12.70
N HIS A 265 12.46 -15.30 13.08
CA HIS A 265 11.84 -16.11 14.14
C HIS A 265 11.40 -17.45 13.62
N THR A 266 10.86 -17.49 12.41
CA THR A 266 10.40 -18.77 11.85
C THR A 266 11.64 -19.59 11.50
N ILE A 267 12.67 -18.95 10.96
CA ILE A 267 13.92 -19.71 10.68
C ILE A 267 14.56 -20.17 11.98
N ALA A 268 14.64 -19.31 13.01
CA ALA A 268 15.15 -19.77 14.31
C ALA A 268 14.38 -20.95 14.88
N TYR A 269 13.06 -20.98 14.70
CA TYR A 269 12.24 -22.10 15.20
C TYR A 269 12.72 -23.39 14.52
N VAL A 270 12.87 -23.37 13.19
CA VAL A 270 13.25 -24.59 12.45
C VAL A 270 14.71 -24.95 12.67
N GLU A 271 15.56 -23.95 12.86
CA GLU A 271 17.01 -24.18 12.99
C GLU A 271 17.32 -25.09 14.17
N GLU A 272 16.49 -25.09 15.21
CA GLU A 272 16.69 -26.02 16.34
C GLU A 272 16.65 -27.48 15.82
N ALA A 273 15.88 -27.73 14.77
CA ALA A 273 15.71 -29.08 14.19
C ALA A 273 16.43 -29.36 12.88
N ALA A 274 16.84 -28.33 12.15
CA ALA A 274 17.42 -28.49 10.84
C ALA A 274 18.72 -27.76 10.75
N PRO A 275 19.62 -27.98 11.74
CA PRO A 275 20.83 -27.20 11.78
C PRO A 275 21.74 -27.41 10.54
N ASN A 276 21.81 -28.63 9.99
CA ASN A 276 22.70 -28.84 8.88
C ASN A 276 22.11 -28.29 7.59
N LEU A 277 20.79 -28.38 7.46
CA LEU A 277 20.17 -27.89 6.21
C LEU A 277 20.23 -26.37 6.15
N LEU A 278 20.18 -25.71 7.32
CA LEU A 278 20.25 -24.23 7.31
C LEU A 278 21.69 -23.70 7.42
N ALA A 279 22.66 -24.61 7.56
CA ALA A 279 24.05 -24.15 7.67
C ALA A 279 24.54 -23.23 6.54
N PRO A 280 24.14 -23.48 5.27
CA PRO A 280 24.60 -22.56 4.22
C PRO A 280 24.08 -21.16 4.41
N LEU A 281 22.89 -21.06 4.99
CA LEU A 281 22.33 -19.74 5.29
C LEU A 281 23.05 -19.10 6.47
N ALA A 282 23.28 -19.88 7.53
CA ALA A 282 24.05 -19.41 8.67
C ALA A 282 25.42 -18.85 8.20
N ALA A 283 26.08 -19.54 7.28
CA ALA A 283 27.39 -19.11 6.77
C ALA A 283 27.27 -17.78 6.06
N LEU A 284 26.18 -17.60 5.31
CA LEU A 284 26.01 -16.35 4.57
C LEU A 284 25.68 -15.15 5.44
N VAL A 285 25.01 -15.38 6.57
CA VAL A 285 24.71 -14.30 7.49
C VAL A 285 25.76 -14.13 8.57
N GLY A 286 26.75 -15.01 8.57
CA GLY A 286 27.91 -14.89 9.48
C GLY A 286 27.54 -15.14 10.93
N GLY A 287 26.67 -16.09 11.16
CA GLY A 287 26.29 -16.41 12.53
C GLY A 287 25.30 -17.53 12.60
N ARG A 288 24.26 -17.35 13.40
CA ARG A 288 23.16 -18.30 13.46
C ARG A 288 22.23 -17.89 12.33
N ALA A 289 21.49 -18.83 11.77
CA ALA A 289 20.62 -18.49 10.64
C ALA A 289 19.54 -17.49 11.08
N GLY A 290 18.84 -17.76 12.19
CA GLY A 290 17.74 -16.86 12.63
C GLY A 290 18.24 -15.51 13.13
N ALA A 291 19.12 -15.52 14.12
CA ALA A 291 19.69 -14.26 14.63
C ALA A 291 20.44 -13.47 13.57
N GLY A 292 21.19 -14.17 12.72
CA GLY A 292 21.89 -13.50 11.65
C GLY A 292 20.97 -12.83 10.66
N LEU A 293 19.82 -13.45 10.38
CA LEU A 293 18.80 -12.78 9.55
C LEU A 293 18.29 -11.53 10.21
N PHE A 294 18.02 -11.61 11.52
CA PHE A 294 17.60 -10.42 12.27
C PHE A 294 18.61 -9.28 12.15
N ASP A 295 19.90 -9.60 12.31
CA ASP A 295 20.93 -8.58 12.18
C ASP A 295 20.99 -8.03 10.76
N PHE A 296 20.83 -8.92 9.77
CA PHE A 296 20.84 -8.47 8.38
C PHE A 296 19.67 -7.53 8.08
N ALA A 297 18.47 -7.89 8.57
CA ALA A 297 17.29 -7.07 8.37
C ALA A 297 17.49 -5.69 8.99
N ALA A 298 18.20 -5.65 10.13
CA ALA A 298 18.45 -4.38 10.79
C ALA A 298 19.39 -3.53 9.93
N ARG A 299 20.39 -4.15 9.27
CA ARG A 299 21.27 -3.40 8.31
C ARG A 299 20.42 -2.78 7.20
N LEU A 300 19.29 -3.39 6.85
CA LEU A 300 18.48 -2.86 5.75
C LEU A 300 17.46 -1.84 6.22
N GLY A 301 17.32 -1.72 7.54
CA GLY A 301 16.28 -0.88 8.12
C GLY A 301 14.85 -1.38 7.97
N ALA A 302 14.69 -2.70 7.81
CA ALA A 302 13.36 -3.25 7.66
C ALA A 302 12.63 -3.27 9.02
N PRO A 303 11.30 -3.27 8.97
CA PRO A 303 10.56 -3.40 10.24
C PRO A 303 10.90 -4.71 10.94
N SER A 304 10.88 -4.70 12.26
CA SER A 304 11.33 -5.86 13.03
C SER A 304 10.31 -6.33 14.04
N SER A 305 9.18 -5.64 14.20
CA SER A 305 8.19 -6.14 15.18
C SER A 305 6.80 -6.20 14.60
N LEU A 306 6.02 -7.17 15.09
CA LEU A 306 4.64 -7.28 14.66
C LEU A 306 3.84 -6.09 15.20
N ALA A 307 4.27 -5.55 16.35
CA ALA A 307 3.57 -4.36 16.90
C ALA A 307 3.61 -3.21 15.90
N ALA A 308 4.72 -3.09 15.17
CA ALA A 308 4.84 -1.99 14.20
C ALA A 308 3.90 -2.19 13.04
N LEU A 309 3.45 -3.43 12.83
CA LEU A 309 2.50 -3.76 11.75
C LEU A 309 1.04 -3.65 12.18
N GLY A 310 0.85 -3.21 13.43
CA GLY A 310 -0.52 -3.00 13.99
C GLY A 310 -1.07 -4.22 14.68
N VAL A 311 -0.27 -5.28 14.88
CA VAL A 311 -0.74 -6.42 15.65
C VAL A 311 -0.81 -6.01 17.14
N GLY A 312 -1.90 -6.37 17.80
CA GLY A 312 -2.01 -6.13 19.24
C GLY A 312 -1.64 -7.34 20.06
N ALA A 313 -1.25 -7.08 21.31
CA ALA A 313 -1.00 -8.20 22.25
C ALA A 313 -2.19 -9.17 22.36
N ASP A 314 -3.44 -8.68 22.21
CA ASP A 314 -4.62 -9.54 22.27
C ASP A 314 -4.88 -10.38 21.02
N ASP A 315 -4.08 -10.16 19.96
CA ASP A 315 -4.18 -10.97 18.75
C ASP A 315 -3.31 -12.22 18.81
N LEU A 316 -2.39 -12.28 19.78
CA LEU A 316 -1.36 -13.34 19.71
C LEU A 316 -1.90 -14.72 20.05
N ASP A 317 -2.79 -14.79 21.04
CA ASP A 317 -3.40 -16.09 21.37
C ASP A 317 -4.29 -16.62 20.23
N PRO A 318 -5.17 -15.77 19.65
CA PRO A 318 -6.00 -16.27 18.53
C PRO A 318 -5.17 -16.69 17.34
N ALA A 320 -2.03 -17.89 17.52
CA ALA A 320 -1.34 -19.16 17.83
C ALA A 320 -2.34 -20.32 17.62
N GLU A 321 -3.63 -20.10 17.95
CA GLU A 321 -4.67 -21.11 17.68
C GLU A 321 -4.87 -21.37 16.19
N LEU A 322 -5.02 -20.32 15.38
CA LEU A 322 -5.22 -20.48 13.95
C LEU A 322 -4.01 -21.14 13.31
N ALA A 323 -2.83 -20.79 13.80
CA ALA A 323 -1.59 -21.33 13.22
C ALA A 323 -1.42 -22.81 13.50
N THR A 324 -2.17 -23.33 14.46
CA THR A 324 -2.03 -24.75 14.80
C THR A 324 -3.26 -25.57 14.43
N ALA A 325 -4.21 -24.92 13.77
CA ALA A 325 -5.47 -25.59 13.47
C ALA A 325 -5.31 -26.68 12.40
N ASN A 326 -4.58 -26.38 11.34
CA ASN A 326 -4.43 -27.30 10.21
C ASN A 326 -3.02 -27.85 10.08
N PRO A 327 -2.85 -29.16 10.31
CA PRO A 327 -1.51 -29.74 10.32
C PRO A 327 -0.84 -29.71 8.95
N TYR A 328 0.44 -29.32 8.92
CA TYR A 328 1.27 -29.44 7.73
C TYR A 328 2.65 -29.84 8.20
N TRP A 329 3.49 -30.29 7.28
CA TRP A 329 4.83 -30.75 7.66
C TRP A 329 5.86 -29.65 7.88
N CYS A 330 6.65 -29.83 8.95
CA CYS A 330 7.81 -28.99 9.24
C CYS A 330 8.87 -29.90 9.88
N PRO A 331 10.17 -29.64 9.64
CA PRO A 331 11.20 -30.46 10.33
C PRO A 331 11.08 -30.45 11.87
N ARG A 332 10.57 -29.34 12.41
CA ARG A 332 10.18 -29.27 13.83
C ARG A 332 8.67 -29.16 13.85
N PRO A 333 7.99 -30.08 14.57
CA PRO A 333 6.54 -30.05 14.51
C PRO A 333 5.98 -28.72 15.07
N ILE A 334 4.90 -28.28 14.44
CA ILE A 334 4.23 -27.07 14.88
C ILE A 334 3.50 -27.42 16.19
N GLU A 335 3.76 -26.63 17.22
CA GLU A 335 3.20 -26.86 18.53
C GLU A 335 2.72 -25.52 19.07
N LYS A 336 1.50 -25.51 19.61
CA LYS A 336 0.85 -24.23 19.97
C LYS A 336 1.69 -23.37 20.92
N THR A 337 2.20 -23.92 22.02
CA THR A 337 2.95 -23.08 22.96
C THR A 337 4.21 -22.49 22.35
N ALA A 338 4.89 -23.29 21.53
CA ALA A 338 6.13 -22.87 20.91
C ALA A 338 5.86 -21.80 19.82
N ILE A 339 4.73 -21.95 19.14
CA ILE A 339 4.29 -20.91 18.17
C ILE A 339 3.87 -19.64 18.92
N ARG A 340 3.19 -19.83 20.04
CA ARG A 340 2.86 -18.67 20.88
C ARG A 340 4.10 -17.90 21.34
N ASP A 341 5.16 -18.60 21.74
CA ASP A 341 6.44 -17.98 22.12
C ASP A 341 7.05 -17.24 20.91
N LEU A 342 7.05 -17.89 19.74
CA LEU A 342 7.57 -17.29 18.48
C LEU A 342 6.82 -15.96 18.22
N LEU A 343 5.49 -16.01 18.29
CA LEU A 343 4.70 -14.78 18.10
C LEU A 343 5.05 -13.70 19.12
N GLN A 344 5.33 -14.09 20.36
CA GLN A 344 5.69 -13.09 21.34
C GLN A 344 7.00 -12.43 21.02
N ARG A 345 7.99 -13.22 20.61
CA ARG A 345 9.26 -12.62 20.21
C ARG A 345 9.10 -11.69 18.98
N ALA A 346 8.34 -12.14 17.98
CA ALA A 346 8.09 -11.31 16.78
C ALA A 346 7.29 -10.07 17.16
N PHE A 347 6.37 -10.18 18.11
CA PHE A 347 5.61 -8.99 18.58
C PHE A 347 6.52 -7.95 19.23
N GLU A 348 7.46 -8.44 20.02
CA GLU A 348 8.44 -7.60 20.74
C GLU A 348 9.51 -7.01 19.83
N GLY A 349 9.72 -7.61 18.67
CA GLY A 349 10.90 -7.30 17.88
C GLY A 349 12.19 -7.78 18.53
N ALA A 350 12.10 -8.90 19.29
CA ALA A 350 13.28 -9.49 19.98
C ALA A 350 14.23 -10.14 18.99
N ARG A 351 15.53 -10.07 19.27
CA ARG A 351 16.50 -10.82 18.50
C ARG A 351 16.39 -12.28 18.87
N PRO A 352 16.26 -13.15 17.85
CA PRO A 352 16.18 -14.57 18.12
C PRO A 352 17.39 -15.05 18.92
N ALA A 353 17.11 -16.00 19.81
CA ALA A 353 18.01 -16.38 20.90
C ALA A 353 19.34 -16.83 20.37
N GLN B 4 -6.92 40.96 9.41
CA GLN B 4 -7.23 40.75 8.01
C GLN B 4 -8.74 40.54 7.85
N PRO B 5 -9.34 41.11 6.77
CA PRO B 5 -10.69 40.76 6.34
C PRO B 5 -10.78 39.28 5.99
N PHE B 6 -11.95 38.70 6.17
CA PHE B 6 -12.16 37.28 5.84
C PHE B 6 -13.62 36.99 5.54
N VAL B 7 -13.86 35.83 4.91
CA VAL B 7 -15.20 35.26 4.82
C VAL B 7 -15.06 33.88 5.48
N TYR B 8 -16.08 33.50 6.23
CA TYR B 8 -16.10 32.17 6.83
C TYR B 8 -17.39 31.53 6.47
N ALA B 10 -19.47 27.79 6.76
CA ALA B 10 -19.49 26.42 7.28
C ALA B 10 -20.65 25.67 6.64
N ALA B 11 -20.46 24.39 6.30
CA ALA B 11 -21.55 23.52 5.83
C ALA B 11 -21.90 22.61 6.98
N PRO B 12 -23.16 22.24 7.12
CA PRO B 12 -23.49 21.38 8.24
C PRO B 12 -22.79 19.99 8.19
N ALA B 13 -22.26 19.54 9.32
CA ALA B 13 -21.90 18.14 9.47
C ALA B 13 -21.99 17.83 10.97
N ARG B 14 -22.25 16.57 11.26
CA ARG B 14 -22.35 16.11 12.65
C ARG B 14 -21.23 15.12 12.88
N ILE B 15 -20.39 15.47 13.83
CA ILE B 15 -19.20 14.71 14.18
C ILE B 15 -19.35 14.08 15.55
N VAL B 16 -19.31 12.75 15.60
CA VAL B 16 -19.49 12.02 16.84
C VAL B 16 -18.13 11.41 17.16
N PHE B 17 -17.57 11.72 18.32
CA PHE B 17 -16.19 11.31 18.59
C PHE B 17 -16.10 10.64 19.96
N SER B 18 -15.88 9.33 19.97
CA SER B 18 -15.59 8.61 21.24
C SER B 18 -15.11 7.19 20.93
N ALA B 19 -14.22 6.69 21.79
CA ALA B 19 -13.85 5.29 21.70
C ALA B 19 -15.07 4.43 21.86
N GLY B 20 -15.31 3.53 20.90
CA GLY B 20 -16.47 2.66 20.97
C GLY B 20 -17.70 3.20 20.28
N SER B 21 -17.59 4.41 19.73
CA SER B 21 -18.73 5.07 19.07
C SER B 21 -19.28 4.30 17.88
N SER B 22 -18.50 3.41 17.28
CA SER B 22 -19.02 2.73 16.08
C SER B 22 -20.09 1.67 16.46
N ALA B 23 -20.25 1.45 17.74
CA ALA B 23 -21.32 0.55 18.26
C ALA B 23 -22.69 1.24 18.15
N ASP B 24 -22.67 2.55 17.93
CA ASP B 24 -23.86 3.38 17.96
C ASP B 24 -24.26 3.89 16.57
N VAL B 25 -23.84 3.20 15.53
CA VAL B 25 -24.20 3.59 14.16
C VAL B 25 -25.72 3.59 13.90
N ALA B 26 -26.44 2.59 14.44
CA ALA B 26 -27.88 2.53 14.20
C ALA B 26 -28.59 3.78 14.73
N GLU B 27 -28.19 4.25 15.91
CA GLU B 27 -28.81 5.46 16.46
C GLU B 27 -28.57 6.66 15.54
N GLU B 28 -27.40 6.72 14.91
CA GLU B 28 -27.13 7.85 13.99
C GLU B 28 -27.93 7.80 12.72
N ILE B 29 -28.15 6.60 12.21
CA ILE B 29 -28.97 6.41 11.03
C ILE B 29 -30.42 6.80 11.37
N ARG B 30 -30.91 6.33 12.51
CA ARG B 30 -32.31 6.66 12.93
C ARG B 30 -32.49 8.15 13.13
N ARG B 31 -31.47 8.83 13.70
CA ARG B 31 -31.54 10.26 14.00
C ARG B 31 -31.76 11.10 12.72
N LEU B 32 -31.24 10.60 11.61
CA LEU B 32 -31.41 11.22 10.28
C LEU B 32 -32.77 10.92 9.66
N GLY B 33 -33.57 10.06 10.31
CA GLY B 33 -34.88 9.71 9.75
C GLY B 33 -34.74 8.69 8.63
N LEU B 34 -33.62 7.99 8.60
CA LEU B 34 -33.34 7.05 7.50
C LEU B 34 -33.51 5.62 7.94
N SER B 35 -33.66 4.75 6.97
CA SER B 35 -34.04 3.38 7.32
C SER B 35 -33.44 2.27 6.46
N ARG B 36 -32.71 2.62 5.38
CA ARG B 36 -32.23 1.60 4.45
C ARG B 36 -30.79 1.90 3.97
N ALA B 37 -29.82 1.44 4.76
CA ALA B 37 -28.41 1.80 4.54
C ALA B 37 -27.71 0.77 3.65
N LEU B 38 -26.93 1.26 2.70
CA LEU B 38 -25.99 0.37 1.99
C LEU B 38 -24.61 0.56 2.65
N VAL B 39 -24.09 -0.52 3.24
CA VAL B 39 -22.80 -0.49 3.95
C VAL B 39 -21.74 -0.74 2.91
N LEU B 40 -20.72 0.12 2.88
CA LEU B 40 -19.64 0.09 1.88
C LEU B 40 -18.32 -0.30 2.49
N SER B 41 -17.51 -1.03 1.72
CA SER B 41 -16.15 -1.31 2.13
C SER B 41 -15.31 -1.74 0.94
N THR B 42 -14.02 -1.99 1.22
CA THR B 42 -13.14 -2.68 0.29
C THR B 42 -13.36 -4.17 0.39
N PRO B 43 -12.83 -4.93 -0.58
CA PRO B 43 -12.97 -6.39 -0.55
C PRO B 43 -12.36 -7.03 0.69
N GLN B 44 -11.20 -6.56 1.12
CA GLN B 44 -10.54 -7.17 2.27
C GLN B 44 -11.24 -6.84 3.57
N GLN B 45 -12.11 -5.83 3.56
CA GLN B 45 -12.84 -5.42 4.77
C GLN B 45 -14.31 -5.87 4.72
N LYS B 46 -14.63 -6.75 3.78
CA LYS B 46 -16.00 -7.26 3.65
C LYS B 46 -16.51 -7.85 4.97
N GLY B 47 -15.67 -8.62 5.67
CA GLY B 47 -16.09 -9.23 6.93
C GLY B 47 -16.55 -8.20 7.94
N ASP B 48 -15.78 -7.11 8.06
CA ASP B 48 -16.15 -6.01 8.96
C ASP B 48 -17.46 -5.30 8.56
N ALA B 49 -17.65 -5.11 7.26
CA ALA B 49 -18.87 -4.48 6.75
C ALA B 49 -20.09 -5.38 6.99
N GLU B 50 -19.91 -6.68 6.80
N GLU B 50 -19.91 -6.68 6.79
CA GLU B 50 -21.00 -7.63 7.04
CA GLU B 50 -20.99 -7.64 7.04
C GLU B 50 -21.35 -7.72 8.53
C GLU B 50 -21.35 -7.67 8.53
N ALA B 51 -20.35 -7.64 9.40
CA ALA B 51 -20.60 -7.63 10.85
C ALA B 51 -21.34 -6.35 11.27
N LEU B 52 -20.95 -5.23 10.69
CA LEU B 52 -21.64 -3.96 10.96
C LEU B 52 -23.07 -4.05 10.44
N ALA B 53 -23.23 -4.60 9.24
CA ALA B 53 -24.56 -4.70 8.68
C ALA B 53 -25.46 -5.56 9.55
N SER B 54 -24.89 -6.65 10.10
CA SER B 54 -25.69 -7.51 10.99
C SER B 54 -26.13 -6.73 12.22
N ARG B 55 -25.21 -5.96 12.80
CA ARG B 55 -25.49 -5.13 13.96
C ARG B 55 -26.59 -4.10 13.68
N LEU B 56 -26.66 -3.57 12.46
CA LEU B 56 -27.71 -2.63 12.08
C LEU B 56 -29.11 -3.23 11.98
N GLY B 57 -29.23 -4.54 11.92
CA GLY B 57 -30.55 -5.17 11.84
C GLY B 57 -31.33 -4.70 10.63
N ARG B 58 -32.56 -4.28 10.88
CA ARG B 58 -33.46 -3.90 9.80
C ARG B 58 -32.96 -2.68 9.01
N LEU B 59 -32.02 -1.94 9.60
CA LEU B 59 -31.56 -0.74 8.93
C LEU B 59 -30.58 -1.00 7.81
N ALA B 60 -30.08 -2.22 7.70
CA ALA B 60 -29.11 -2.57 6.67
C ALA B 60 -29.88 -3.07 5.45
N ALA B 61 -29.73 -2.35 4.33
CA ALA B 61 -30.36 -2.79 3.08
C ALA B 61 -29.43 -3.62 2.20
N GLY B 62 -28.15 -3.57 2.47
CA GLY B 62 -27.19 -4.40 1.73
C GLY B 62 -25.77 -4.02 2.08
N VAL B 63 -24.84 -4.76 1.50
CA VAL B 63 -23.40 -4.54 1.65
C VAL B 63 -22.78 -4.50 0.27
N PHE B 64 -21.99 -3.50 0.00
CA PHE B 64 -21.27 -3.44 -1.26
C PHE B 64 -19.81 -3.28 -0.93
N SER B 65 -18.99 -4.28 -1.26
N SER B 65 -19.01 -4.30 -1.25
CA SER B 65 -17.63 -4.32 -0.73
CA SER B 65 -17.65 -4.38 -0.77
C SER B 65 -16.55 -4.29 -1.81
C SER B 65 -16.65 -4.44 -1.92
N GLU B 66 -16.77 -3.50 -2.86
CA GLU B 66 -15.81 -3.38 -3.96
C GLU B 66 -15.15 -2.02 -4.10
N ALA B 67 -15.04 -1.25 -3.01
CA ALA B 67 -14.42 0.04 -3.09
C ALA B 67 -12.99 -0.17 -3.62
N ALA B 68 -12.61 0.68 -4.56
CA ALA B 68 -11.30 0.57 -5.24
C ALA B 68 -10.53 1.86 -5.12
N HIS B 70 -8.77 5.18 -5.92
CA HIS B 70 -9.00 6.28 -6.90
C HIS B 70 -10.41 6.37 -7.47
N THR B 71 -11.32 5.55 -6.95
CA THR B 71 -12.76 5.70 -7.17
C THR B 71 -13.09 5.68 -8.67
N PRO B 72 -12.85 4.52 -9.34
CA PRO B 72 -13.13 4.37 -10.76
C PRO B 72 -14.63 4.45 -11.01
N VAL B 73 -15.03 5.17 -12.05
CA VAL B 73 -16.44 5.39 -12.37
C VAL B 73 -17.19 4.09 -12.61
N GLU B 74 -16.46 3.17 -13.22
N GLU B 74 -16.54 3.11 -13.25
CA GLU B 74 -16.89 1.82 -13.54
CA GLU B 74 -17.25 1.86 -13.52
C GLU B 74 -17.46 1.08 -12.32
C GLU B 74 -17.63 1.12 -12.22
N VAL B 75 -16.76 1.18 -11.19
CA VAL B 75 -17.16 0.59 -9.90
C VAL B 75 -18.31 1.40 -9.29
N THR B 76 -18.21 2.72 -9.36
CA THR B 76 -19.30 3.59 -8.86
C THR B 76 -20.62 3.24 -9.54
N LYS B 77 -20.60 2.99 -10.85
CA LYS B 77 -21.86 2.64 -11.57
C LYS B 77 -22.45 1.36 -11.00
N THR B 78 -21.58 0.36 -10.75
CA THR B 78 -22.05 -0.88 -10.17
C THR B 78 -22.61 -0.65 -8.76
N ALA B 79 -21.92 0.19 -7.97
CA ALA B 79 -22.38 0.51 -6.62
C ALA B 79 -23.75 1.23 -6.64
N VAL B 80 -23.91 2.15 -7.59
CA VAL B 80 -25.17 2.89 -7.69
C VAL B 80 -26.31 1.93 -8.13
N GLU B 81 -26.03 0.99 -9.03
CA GLU B 81 -27.01 -0.01 -9.39
C GLU B 81 -27.43 -0.78 -8.14
N ALA B 82 -26.45 -1.14 -7.28
CA ALA B 82 -26.77 -1.87 -6.06
C ALA B 82 -27.58 -1.01 -5.08
N TYR B 83 -27.17 0.25 -4.94
CA TYR B 83 -27.90 1.17 -4.07
C TYR B 83 -29.37 1.31 -4.50
N ARG B 84 -29.61 1.51 -5.79
CA ARG B 84 -30.99 1.67 -6.27
C ARG B 84 -31.75 0.36 -6.13
N ALA B 85 -31.11 -0.76 -6.41
CA ALA B 85 -31.82 -2.05 -6.33
C ALA B 85 -32.21 -2.31 -4.88
N ALA B 86 -31.38 -1.86 -3.94
CA ALA B 86 -31.65 -2.09 -2.51
C ALA B 86 -32.64 -1.11 -1.92
N GLY B 87 -33.11 -0.16 -2.73
CA GLY B 87 -33.98 0.89 -2.22
C GLY B 87 -33.38 1.67 -1.07
N ALA B 88 -32.06 1.87 -1.15
CA ALA B 88 -31.33 2.54 -0.08
C ALA B 88 -31.64 4.03 0.02
N ASP B 89 -31.44 4.57 1.23
CA ASP B 89 -31.56 6.02 1.45
C ASP B 89 -30.29 6.61 2.02
N CYS B 90 -29.31 5.75 2.25
CA CYS B 90 -28.02 6.26 2.72
C CYS B 90 -26.92 5.24 2.51
N VAL B 91 -25.68 5.71 2.58
CA VAL B 91 -24.50 4.82 2.59
C VAL B 91 -23.79 4.95 3.94
N VAL B 92 -23.25 3.83 4.42
CA VAL B 92 -22.39 3.82 5.61
C VAL B 92 -21.02 3.40 5.10
N SER B 93 -20.08 4.33 5.17
CA SER B 93 -18.78 4.13 4.53
C SER B 93 -17.78 3.72 5.61
N LEU B 94 -17.54 2.43 5.74
CA LEU B 94 -16.68 1.91 6.82
C LEU B 94 -15.29 1.65 6.26
N GLY B 95 -14.30 2.38 6.74
CA GLY B 95 -12.93 2.13 6.28
C GLY B 95 -12.15 3.34 5.86
N GLY B 96 -11.21 3.10 4.94
CA GLY B 96 -10.25 4.13 4.56
C GLY B 96 -10.77 5.13 3.56
N GLY B 97 -9.85 5.92 3.03
CA GLY B 97 -10.22 6.99 2.15
C GLY B 97 -10.92 6.50 0.88
N SER B 98 -10.53 5.33 0.37
CA SER B 98 -11.18 4.85 -0.86
C SER B 98 -12.65 4.47 -0.62
N THR B 99 -12.98 4.07 0.61
CA THR B 99 -14.37 3.75 0.93
C THR B 99 -15.15 5.07 1.09
N THR B 100 -14.56 6.06 1.78
CA THR B 100 -15.18 7.37 1.82
C THR B 100 -15.46 7.91 0.40
N GLY B 101 -14.47 7.73 -0.48
CA GLY B 101 -14.58 8.20 -1.85
C GLY B 101 -15.75 7.56 -2.58
N LEU B 102 -15.89 6.25 -2.44
CA LEU B 102 -17.01 5.54 -3.08
C LEU B 102 -18.33 6.11 -2.57
N GLY B 103 -18.45 6.33 -1.27
CA GLY B 103 -19.73 6.84 -0.75
C GLY B 103 -20.04 8.23 -1.29
N LYS B 104 -19.01 9.06 -1.45
CA LYS B 104 -19.19 10.36 -2.04
C LYS B 104 -19.68 10.26 -3.50
N ALA B 105 -19.09 9.33 -4.25
CA ALA B 105 -19.41 9.16 -5.67
C ALA B 105 -20.84 8.64 -5.83
N ILE B 106 -21.25 7.80 -4.88
CA ILE B 106 -22.68 7.34 -4.83
C ILE B 106 -23.59 8.50 -4.47
N ALA B 107 -23.23 9.29 -3.46
CA ALA B 107 -24.05 10.44 -3.06
C ALA B 107 -24.25 11.44 -4.19
N LEU B 108 -23.20 11.66 -4.97
CA LEU B 108 -23.27 12.57 -6.12
C LEU B 108 -24.40 12.17 -7.05
N ARG B 109 -24.57 10.85 -7.24
CA ARG B 109 -25.45 10.34 -8.27
C ARG B 109 -26.86 10.07 -7.77
N THR B 110 -27.00 9.83 -6.46
CA THR B 110 -28.25 9.33 -5.86
C THR B 110 -28.82 10.24 -4.79
N ASP B 111 -28.01 11.21 -4.39
N ASP B 111 -28.08 11.25 -4.38
CA ASP B 111 -28.25 12.10 -3.26
CA ASP B 111 -28.45 12.07 -3.21
C ASP B 111 -28.29 11.40 -1.90
C ASP B 111 -28.49 11.29 -1.91
N ALA B 112 -27.81 10.14 -1.86
CA ALA B 112 -27.67 9.39 -0.60
C ALA B 112 -27.09 10.28 0.52
N ALA B 113 -27.68 10.20 1.72
CA ALA B 113 -26.98 10.67 2.91
C ALA B 113 -25.80 9.75 3.19
N GLN B 114 -24.74 10.29 3.79
CA GLN B 114 -23.54 9.52 4.10
C GLN B 114 -23.22 9.55 5.60
N ILE B 115 -23.04 8.37 6.15
CA ILE B 115 -22.52 8.16 7.51
C ILE B 115 -21.17 7.52 7.34
N VAL B 116 -20.10 8.26 7.69
CA VAL B 116 -18.71 7.77 7.44
C VAL B 116 -18.11 7.31 8.74
N ILE B 117 -17.44 6.16 8.70
CA ILE B 117 -16.77 5.63 9.89
C ILE B 117 -15.31 5.39 9.50
N PRO B 118 -14.50 6.44 9.64
CA PRO B 118 -13.12 6.36 9.10
C PRO B 118 -12.23 5.51 9.96
N THR B 119 -11.32 4.79 9.31
CA THR B 119 -10.37 3.96 10.03
C THR B 119 -8.93 4.39 9.76
N THR B 120 -8.77 5.54 9.08
CA THR B 120 -7.42 6.06 8.67
C THR B 120 -7.38 7.56 8.92
N TYR B 121 -6.25 8.16 8.59
CA TYR B 121 -6.07 9.62 8.76
C TYR B 121 -6.30 10.42 7.44
N ALA B 122 -6.96 9.80 6.47
CA ALA B 122 -7.18 10.41 5.16
C ALA B 122 -7.90 11.77 5.20
N GLY B 123 -8.87 11.89 6.11
CA GLY B 123 -9.61 13.15 6.28
C GLY B 123 -10.69 13.41 5.25
N SER B 124 -10.82 12.53 4.26
CA SER B 124 -11.80 12.73 3.19
C SER B 124 -13.24 12.87 3.76
N GLU B 125 -13.47 12.25 4.90
CA GLU B 125 -14.80 12.26 5.55
C GLU B 125 -15.31 13.64 5.89
N VAL B 126 -14.41 14.63 5.95
CA VAL B 126 -14.81 15.98 6.28
C VAL B 126 -14.43 17.00 5.20
N THR B 127 -14.30 16.55 3.96
CA THR B 127 -14.12 17.48 2.85
C THR B 127 -15.24 17.31 1.83
N PRO B 128 -15.52 18.37 1.06
CA PRO B 128 -16.50 18.29 -0.02
C PRO B 128 -15.83 17.91 -1.35
N ILE B 129 -14.65 17.32 -1.30
CA ILE B 129 -13.88 17.07 -2.52
C ILE B 129 -14.00 15.60 -2.95
N LEU B 130 -14.21 15.38 -4.25
CA LEU B 130 -14.26 14.01 -4.75
C LEU B 130 -13.34 13.83 -5.94
N GLY B 131 -12.40 12.90 -5.79
CA GLY B 131 -11.57 12.46 -6.94
C GLY B 131 -12.12 11.16 -7.52
N GLN B 132 -12.12 11.03 -8.85
CA GLN B 132 -12.63 9.83 -9.50
C GLN B 132 -11.69 9.54 -10.65
N THR B 133 -11.81 8.36 -11.22
CA THR B 133 -11.03 8.05 -12.41
C THR B 133 -12.03 7.53 -13.45
N GLU B 134 -11.96 8.07 -14.67
CA GLU B 134 -12.88 7.66 -15.74
C GLU B 134 -12.09 7.46 -17.02
N ASN B 135 -12.24 6.28 -17.64
CA ASN B 135 -11.40 5.84 -18.76
C ASN B 135 -9.92 6.13 -18.48
N GLY B 136 -9.50 5.96 -17.24
CA GLY B 136 -8.11 6.15 -16.83
C GLY B 136 -7.69 7.56 -16.44
N VAL B 137 -8.56 8.54 -16.67
CA VAL B 137 -8.20 9.92 -16.34
C VAL B 137 -8.77 10.30 -14.98
N LYS B 138 -7.91 10.82 -14.13
CA LYS B 138 -8.30 11.34 -12.83
C LYS B 138 -9.02 12.67 -13.03
N THR B 139 -10.10 12.85 -12.30
CA THR B 139 -10.86 14.09 -12.29
C THR B 139 -11.09 14.43 -10.81
N THR B 140 -11.29 15.70 -10.52
CA THR B 140 -11.63 16.18 -9.18
C THR B 140 -12.76 17.16 -9.31
N ARG B 142 -15.78 19.40 -6.46
CA ARG B 142 -16.19 19.66 -5.08
C ARG B 142 -17.53 20.36 -5.04
N GLY B 143 -18.27 20.15 -3.96
CA GLY B 143 -19.50 20.86 -3.74
C GLY B 143 -20.16 20.37 -2.46
N PRO B 144 -21.11 21.14 -1.95
CA PRO B 144 -21.78 20.85 -0.69
C PRO B 144 -22.51 19.51 -0.68
N GLU B 145 -22.93 19.04 -1.86
CA GLU B 145 -23.65 17.78 -1.96
C GLU B 145 -22.75 16.57 -1.70
N ILE B 146 -21.43 16.77 -1.74
CA ILE B 146 -20.45 15.70 -1.55
C ILE B 146 -20.08 15.56 -0.07
N LEU B 147 -20.23 16.63 0.69
CA LEU B 147 -19.76 16.62 2.11
C LEU B 147 -20.59 15.65 2.94
N PRO B 148 -19.95 14.65 3.58
CA PRO B 148 -20.75 13.72 4.39
C PRO B 148 -21.53 14.37 5.55
N GLU B 149 -22.76 13.89 5.77
CA GLU B 149 -23.63 14.42 6.79
C GLU B 149 -23.20 14.05 8.20
N VAL B 150 -22.68 12.85 8.38
CA VAL B 150 -22.31 12.40 9.72
C VAL B 150 -20.99 11.64 9.65
N VAL B 151 -20.12 11.90 10.62
CA VAL B 151 -18.88 11.15 10.75
C VAL B 151 -18.80 10.61 12.14
N ILE B 152 -18.50 9.32 12.25
CA ILE B 152 -18.37 8.69 13.54
C ILE B 152 -16.90 8.30 13.68
N TYR B 153 -16.22 8.96 14.62
CA TYR B 153 -14.81 8.70 14.86
C TYR B 153 -14.65 7.81 16.08
N ASP B 154 -14.15 6.61 15.85
CA ASP B 154 -13.97 5.59 16.89
C ASP B 154 -12.52 5.15 16.84
N ALA B 155 -11.69 5.73 17.73
CA ALA B 155 -10.27 5.41 17.66
C ALA B 155 -9.96 3.94 17.87
N GLU B 156 -10.87 3.15 18.48
CA GLU B 156 -10.64 1.74 18.64
C GLU B 156 -10.46 1.05 17.28
N LEU B 157 -11.03 1.65 16.22
CA LEU B 157 -10.91 1.12 14.89
C LEU B 157 -9.60 1.43 14.17
N THR B 158 -8.74 2.22 14.82
CA THR B 158 -7.48 2.65 14.22
C THR B 158 -6.27 2.01 14.85
N LEU B 159 -6.48 1.17 15.87
CA LEU B 159 -5.34 0.61 16.59
C LEU B 159 -4.43 -0.23 15.69
N GLY B 160 -5.07 -0.90 14.72
CA GLY B 160 -4.34 -1.77 13.80
C GLY B 160 -3.74 -1.06 12.60
N LEU B 161 -3.87 0.26 12.48
CA LEU B 161 -3.28 0.95 11.35
C LEU B 161 -1.74 0.87 11.47
N PRO B 162 -1.04 0.27 10.49
CA PRO B 162 0.40 0.09 10.71
C PRO B 162 1.15 1.36 10.98
N VAL B 163 2.26 1.24 11.71
CA VAL B 163 3.02 2.45 12.09
C VAL B 163 3.50 3.24 10.87
N ALA B 164 4.05 2.56 9.86
CA ALA B 164 4.63 3.34 8.74
C ALA B 164 3.59 4.25 8.08
N ILE B 165 2.42 3.70 7.72
CA ILE B 165 1.40 4.53 7.10
C ILE B 165 0.81 5.49 8.12
N SER B 166 0.75 5.11 9.40
CA SER B 166 0.25 6.09 10.41
C SER B 166 1.10 7.35 10.37
N THR B 168 3.34 8.51 7.87
CA THR B 168 3.32 9.28 6.64
C THR B 168 1.92 9.89 6.37
N SER B 169 0.84 9.15 6.65
CA SER B 169 -0.49 9.76 6.52
C SER B 169 -0.71 10.85 7.57
N GLY B 170 -0.06 10.73 8.73
CA GLY B 170 -0.19 11.78 9.77
C GLY B 170 0.50 13.04 9.24
N LEU B 171 1.68 12.87 8.63
CA LEU B 171 2.36 14.07 8.02
C LEU B 171 1.55 14.67 6.88
N ASN B 172 0.91 13.82 6.06
CA ASN B 172 0.04 14.29 4.99
C ASN B 172 -1.13 15.11 5.55
N ALA B 173 -1.67 14.66 6.68
CA ALA B 173 -2.72 15.43 7.34
C ALA B 173 -2.17 16.79 7.82
N ALA B 175 0.10 18.46 6.63
CA ALA B 175 0.31 19.34 5.47
C ALA B 175 -0.90 20.21 5.15
N HIS B 176 -2.10 19.66 5.32
CA HIS B 176 -3.32 20.46 5.06
C HIS B 176 -3.37 21.64 6.05
N ALA B 177 -3.07 21.37 7.32
CA ALA B 177 -3.15 22.38 8.37
C ALA B 177 -2.07 23.43 8.17
N ALA B 178 -0.87 23.00 7.75
CA ALA B 178 0.23 23.95 7.61
C ALA B 178 -0.11 24.94 6.48
N GLU B 179 -0.58 24.42 5.33
CA GLU B 179 -0.93 25.34 4.22
C GLU B 179 -2.19 26.17 4.50
N ALA B 180 -3.08 25.64 5.33
CA ALA B 180 -4.26 26.45 5.71
C ALA B 180 -3.83 27.77 6.36
N LEU B 181 -2.71 27.76 7.09
CA LEU B 181 -2.28 28.95 7.82
C LEU B 181 -1.98 30.12 6.89
N TYR B 182 -1.57 29.82 5.65
CA TYR B 182 -1.27 30.92 4.72
C TYR B 182 -2.15 30.95 3.45
N ALA B 183 -3.32 30.31 3.53
CA ALA B 183 -4.27 30.28 2.44
C ALA B 183 -4.69 31.70 2.10
N ARG B 184 -4.93 31.92 0.81
CA ARG B 184 -5.40 33.22 0.32
C ARG B 184 -6.71 33.57 1.02
N ASP B 185 -7.55 32.57 1.24
CA ASP B 185 -8.84 32.76 1.91
C ASP B 185 -8.77 32.24 3.35
N ARG B 186 -7.62 32.41 3.98
CA ARG B 186 -7.52 32.04 5.41
C ARG B 186 -8.57 32.77 6.25
N ASN B 187 -8.98 32.14 7.33
CA ASN B 187 -9.91 32.79 8.27
C ASN B 187 -9.57 32.30 9.69
N PRO B 188 -10.04 33.00 10.74
CA PRO B 188 -9.62 32.63 12.08
C PRO B 188 -10.04 31.25 12.55
N ILE B 189 -11.19 30.76 12.11
N ILE B 189 -11.20 30.79 12.09
CA ILE B 189 -11.57 29.42 12.58
CA ILE B 189 -11.71 29.46 12.46
C ILE B 189 -10.75 28.33 11.88
C ILE B 189 -10.79 28.38 11.87
N ALA B 190 -10.56 28.47 10.57
CA ALA B 190 -9.66 27.51 9.92
C ALA B 190 -8.26 27.59 10.54
N SER B 191 -7.77 28.80 10.85
CA SER B 191 -6.41 28.88 11.43
C SER B 191 -6.35 28.28 12.81
N ALA B 194 -6.47 24.56 12.35
CA ALA B 194 -5.15 24.09 11.84
C ALA B 194 -4.09 23.99 12.91
N VAL B 195 -3.97 25.04 13.72
CA VAL B 195 -2.98 25.01 14.79
C VAL B 195 -3.29 23.87 15.75
N GLU B 196 -4.57 23.68 16.09
CA GLU B 196 -4.92 22.60 17.04
C GLU B 196 -4.65 21.21 16.42
N GLY B 197 -4.91 21.08 15.13
CA GLY B 197 -4.65 19.78 14.43
C GLY B 197 -3.17 19.50 14.42
N LEU B 198 -2.36 20.55 14.16
CA LEU B 198 -0.89 20.38 14.21
C LEU B 198 -0.44 19.99 15.59
N ARG B 199 -0.95 20.68 16.61
N ARG B 199 -0.94 20.69 16.62
CA ARG B 199 -0.59 20.37 17.98
CA ARG B 199 -0.61 20.38 18.00
C ARG B 199 -0.91 18.92 18.31
C ARG B 199 -0.91 18.92 18.31
N ALA B 200 -2.11 18.47 17.91
CA ALA B 200 -2.55 17.13 18.21
C ALA B 200 -1.67 16.08 17.54
N ILE B 202 1.45 16.45 16.45
CA ILE B 202 2.82 16.51 16.98
C ILE B 202 2.89 15.81 18.30
N GLU B 203 1.86 15.96 19.13
CA GLU B 203 1.81 15.26 20.41
C GLU B 203 1.62 13.74 20.19
N ALA B 204 0.72 13.38 19.30
CA ALA B 204 0.30 11.97 19.22
C ALA B 204 1.15 11.07 18.38
N LEU B 205 1.61 11.54 17.21
CA LEU B 205 2.29 10.59 16.30
C LEU B 205 3.54 9.89 16.90
N PRO B 206 4.39 10.62 17.64
CA PRO B 206 5.54 9.95 18.27
C PRO B 206 5.12 8.88 19.26
N VAL B 207 4.00 9.12 19.94
CA VAL B 207 3.51 8.14 20.94
C VAL B 207 2.92 6.91 20.26
N VAL B 208 2.12 7.14 19.21
CA VAL B 208 1.61 6.04 18.38
C VAL B 208 2.76 5.15 17.85
N ARG B 209 3.86 5.76 17.42
CA ARG B 209 4.99 4.99 16.91
C ARG B 209 5.51 4.01 17.95
N GLN B 210 5.57 4.46 19.20
CA GLN B 210 6.09 3.60 20.29
C GLN B 210 5.07 2.63 20.85
N ALA B 211 3.78 2.98 20.73
CA ALA B 211 2.73 2.20 21.34
C ALA B 211 1.47 2.34 20.49
N PRO B 212 1.38 1.56 19.39
CA PRO B 212 0.30 1.73 18.41
C PRO B 212 -1.09 1.36 18.94
N HIS B 213 -1.13 0.58 20.03
CA HIS B 213 -2.42 0.25 20.63
C HIS B 213 -2.79 1.16 21.82
N ASP B 214 -2.03 2.23 22.01
CA ASP B 214 -2.38 3.21 23.09
C ASP B 214 -3.61 4.00 22.66
N ILE B 215 -4.73 3.78 23.35
CA ILE B 215 -5.98 4.40 22.91
C ILE B 215 -5.94 5.91 23.06
N GLY B 216 -5.27 6.40 24.09
CA GLY B 216 -5.20 7.86 24.23
C GLY B 216 -4.44 8.54 23.10
N ALA B 217 -3.28 8.00 22.73
CA ALA B 217 -2.53 8.54 21.60
C ALA B 217 -3.32 8.41 20.27
N ARG B 218 -3.93 7.24 20.07
CA ARG B 218 -4.78 7.08 18.86
C ARG B 218 -5.98 8.02 18.82
N GLU B 219 -6.61 8.29 19.97
CA GLU B 219 -7.72 9.26 19.98
C GLU B 219 -7.20 10.67 19.61
N THR B 220 -6.03 11.03 20.16
CA THR B 220 -5.46 12.35 19.88
C THR B 220 -5.09 12.47 18.40
N ALA B 221 -4.50 11.42 17.86
CA ALA B 221 -4.14 11.46 16.43
C ALA B 221 -5.37 11.57 15.52
N LEU B 222 -6.42 10.83 15.88
CA LEU B 222 -7.66 10.84 15.06
C LEU B 222 -8.36 12.22 15.15
N TYR B 223 -8.31 12.81 16.33
CA TYR B 223 -8.78 14.18 16.52
C TYR B 223 -7.98 15.13 15.65
N GLY B 224 -6.65 14.94 15.63
CA GLY B 224 -5.81 15.79 14.72
C GLY B 224 -6.20 15.59 13.26
N ALA B 225 -6.40 14.32 12.84
CA ALA B 225 -6.78 14.04 11.44
C ALA B 225 -8.09 14.71 11.08
N TRP B 226 -9.04 14.72 12.00
CA TRP B 226 -10.32 15.39 11.78
C TRP B 226 -10.10 16.87 11.52
N LEU B 227 -9.37 17.52 12.42
CA LEU B 227 -9.15 18.96 12.23
C LEU B 227 -8.37 19.27 10.94
N CYS B 228 -7.35 18.48 10.65
CA CYS B 228 -6.57 18.69 9.41
C CYS B 228 -7.43 18.48 8.18
N GLY B 229 -8.26 17.45 8.16
CA GLY B 229 -9.20 17.22 7.04
C GLY B 229 -10.20 18.37 6.88
N THR B 230 -10.68 18.90 8.01
CA THR B 230 -11.66 19.95 7.94
C THR B 230 -11.07 21.17 7.25
N VAL B 231 -9.82 21.49 7.59
CA VAL B 231 -9.27 22.70 6.97
C VAL B 231 -8.88 22.47 5.54
N LEU B 232 -8.58 21.22 5.15
CA LEU B 232 -8.34 20.88 3.76
C LEU B 232 -9.59 21.23 2.93
N GLY B 233 -10.74 20.95 3.55
CA GLY B 233 -12.04 21.16 2.90
C GLY B 233 -12.51 22.61 2.95
N ALA B 234 -11.89 23.42 3.83
CA ALA B 234 -12.40 24.78 4.09
C ALA B 234 -11.74 25.92 3.32
N VAL B 235 -10.42 25.86 3.18
CA VAL B 235 -9.67 26.93 2.59
C VAL B 235 -8.78 26.37 1.47
N GLY B 236 -8.18 27.28 0.72
CA GLY B 236 -7.43 26.90 -0.51
C GLY B 236 -6.03 26.46 -0.18
N SER B 238 -2.02 25.34 -1.48
CA SER B 238 -1.07 26.14 -2.26
C SER B 238 0.06 25.26 -2.80
N LEU B 239 1.27 25.80 -2.78
CA LEU B 239 2.45 25.17 -3.35
C LEU B 239 2.64 23.73 -2.94
N HIS B 240 2.55 23.44 -1.63
CA HIS B 240 2.79 22.08 -1.19
C HIS B 240 1.86 21.09 -1.86
N HIS B 241 0.55 21.38 -1.85
CA HIS B 241 -0.42 20.44 -2.38
C HIS B 241 -0.28 20.36 -3.91
N LYS B 242 -0.04 21.48 -4.57
N LYS B 242 -0.01 21.49 -4.55
CA LYS B 242 0.21 21.48 -6.03
CA LYS B 242 0.19 21.52 -6.00
C LYS B 242 1.35 20.54 -6.35
C LYS B 242 1.39 20.72 -6.45
N LEU B 243 2.48 20.77 -5.69
CA LEU B 243 3.69 20.02 -6.02
C LEU B 243 3.48 18.52 -5.76
N CYS B 244 2.86 18.19 -4.64
CA CYS B 244 2.56 16.77 -4.38
C CYS B 244 1.66 16.16 -5.45
N HIS B 245 0.66 16.92 -5.88
CA HIS B 245 -0.26 16.41 -6.89
C HIS B 245 0.51 16.18 -8.20
N THR B 246 1.37 17.13 -8.57
CA THR B 246 2.14 17.04 -9.80
C THR B 246 3.02 15.81 -9.78
N LEU B 247 3.85 15.78 -8.75
CA LEU B 247 5.03 14.97 -8.77
C LEU B 247 4.66 13.54 -8.42
N GLY B 248 3.75 13.39 -7.46
CA GLY B 248 3.26 12.08 -7.07
C GLY B 248 2.45 11.49 -8.22
N GLY B 249 1.69 12.35 -8.89
CA GLY B 249 0.80 11.94 -9.98
C GLY B 249 1.49 11.59 -11.29
N SER B 250 2.44 12.42 -11.73
CA SER B 250 3.13 12.12 -12.98
C SER B 250 4.19 11.02 -12.83
N LEU B 251 4.77 10.91 -11.64
CA LEU B 251 5.77 9.87 -11.37
C LEU B 251 5.18 8.64 -10.69
N ASP B 252 3.87 8.64 -10.51
CA ASP B 252 3.17 7.56 -9.82
C ASP B 252 3.86 7.19 -8.48
N LEU B 253 3.97 8.18 -7.60
CA LEU B 253 4.54 7.93 -6.27
C LEU B 253 3.43 7.76 -5.27
N PRO B 254 3.68 6.95 -4.24
CA PRO B 254 2.69 6.83 -3.17
C PRO B 254 2.47 8.19 -2.52
N HIS B 255 1.20 8.46 -2.37
CA HIS B 255 0.67 9.71 -1.99
C HIS B 255 1.20 10.23 -0.62
N ALA B 256 0.97 9.44 0.43
CA ALA B 256 1.37 9.91 1.78
C ALA B 256 2.86 10.15 1.88
N GLU B 257 3.65 9.25 1.28
CA GLU B 257 5.09 9.38 1.32
C GLU B 257 5.56 10.63 0.60
N THR B 258 4.92 10.98 -0.51
CA THR B 258 5.31 12.18 -1.26
C THR B 258 5.12 13.39 -0.37
N HIS B 259 3.96 13.45 0.29
CA HIS B 259 3.74 14.53 1.28
C HIS B 259 4.78 14.58 2.37
N ALA B 260 5.08 13.41 2.96
CA ALA B 260 6.02 13.33 4.04
C ALA B 260 7.38 13.90 3.63
N VAL B 261 7.81 13.56 2.41
CA VAL B 261 9.14 13.99 1.98
C VAL B 261 9.18 15.49 1.67
N LEU B 262 8.14 15.96 0.97
CA LEU B 262 8.17 17.35 0.46
C LEU B 262 7.83 18.39 1.49
N LEU B 263 7.05 18.02 2.53
CA LEU B 263 6.49 19.05 3.44
C LEU B 263 7.54 19.96 4.08
N PRO B 264 8.66 19.41 4.60
CA PRO B 264 9.59 20.39 5.19
C PRO B 264 10.13 21.42 4.17
N HIS B 265 10.27 21.01 2.91
CA HIS B 265 10.84 21.88 1.88
C HIS B 265 9.90 22.88 1.35
N THR B 266 8.64 22.48 1.17
CA THR B 266 7.66 23.42 0.64
C THR B 266 7.33 24.45 1.74
N ILE B 267 7.22 24.00 3.00
CA ILE B 267 6.92 24.95 4.08
C ILE B 267 8.11 25.90 4.25
N ALA B 268 9.33 25.36 4.22
CA ALA B 268 10.55 26.22 4.35
C ALA B 268 10.57 27.28 3.25
N TYR B 269 10.16 26.90 2.02
CA TYR B 269 10.11 27.83 0.88
C TYR B 269 9.15 28.97 1.18
N VAL B 270 7.91 28.64 1.61
CA VAL B 270 6.97 29.70 1.92
C VAL B 270 7.41 30.53 3.14
N GLU B 271 8.02 29.88 4.11
CA GLU B 271 8.38 30.52 5.36
C GLU B 271 9.41 31.61 5.13
N GLU B 272 10.18 31.47 4.05
CA GLU B 272 11.18 32.51 3.71
C GLU B 272 10.48 33.85 3.49
N ALA B 273 9.29 33.77 2.90
CA ALA B 273 8.51 34.96 2.56
C ALA B 273 7.48 35.34 3.58
N ALA B 274 6.87 34.37 4.25
CA ALA B 274 5.75 34.63 5.13
C ALA B 274 5.98 34.01 6.48
N PRO B 275 7.02 34.45 7.19
CA PRO B 275 7.30 33.78 8.45
C PRO B 275 6.22 33.96 9.52
N ASN B 276 5.55 35.11 9.53
CA ASN B 276 4.58 35.38 10.56
C ASN B 276 3.36 34.46 10.47
N LEU B 277 2.93 34.15 9.26
CA LEU B 277 1.73 33.27 9.16
C LEU B 277 2.08 31.85 9.65
N LEU B 278 3.35 31.47 9.49
CA LEU B 278 3.79 30.14 9.93
C LEU B 278 4.28 30.08 11.38
N ALA B 279 4.37 31.25 12.04
CA ALA B 279 4.86 31.29 13.43
C ALA B 279 4.23 30.30 14.39
N PRO B 280 2.88 30.10 14.33
CA PRO B 280 2.26 29.16 15.25
C PRO B 280 2.76 27.74 15.08
N LEU B 281 3.10 27.36 13.85
CA LEU B 281 3.65 26.04 13.56
C LEU B 281 5.13 25.97 13.98
N ALA B 282 5.87 27.02 13.65
CA ALA B 282 7.26 27.10 14.02
C ALA B 282 7.42 26.92 15.54
N ALA B 283 6.51 27.51 16.30
CA ALA B 283 6.51 27.39 17.76
C ALA B 283 6.33 25.97 18.27
N LEU B 284 5.66 25.13 17.49
CA LEU B 284 5.38 23.75 17.87
C LEU B 284 6.51 22.81 17.53
N VAL B 285 7.43 23.24 16.67
CA VAL B 285 8.49 22.33 16.18
C VAL B 285 9.90 22.89 16.41
N GLY B 286 10.06 23.81 17.36
CA GLY B 286 11.43 24.22 17.70
C GLY B 286 11.92 25.56 17.18
N GLY B 287 11.06 26.29 16.47
CA GLY B 287 11.37 27.69 16.10
C GLY B 287 11.35 28.04 14.62
N ARG B 288 11.62 27.06 13.76
CA ARG B 288 11.50 27.26 12.31
C ARG B 288 10.57 26.19 11.78
N ALA B 289 9.52 26.60 11.06
CA ALA B 289 8.51 25.60 10.65
C ALA B 289 9.05 24.54 9.69
N GLY B 290 9.83 24.96 8.69
CA GLY B 290 10.29 24.03 7.65
C GLY B 290 11.31 23.04 8.19
N ALA B 291 12.40 23.56 8.79
CA ALA B 291 13.46 22.74 9.38
C ALA B 291 12.90 21.91 10.54
N GLY B 292 11.95 22.49 11.26
CA GLY B 292 11.34 21.78 12.39
C GLY B 292 10.52 20.59 11.96
N LEU B 293 9.84 20.73 10.83
CA LEU B 293 9.08 19.58 10.28
C LEU B 293 10.01 18.48 9.81
N PHE B 294 11.17 18.86 9.26
CA PHE B 294 12.18 17.87 8.86
C PHE B 294 12.63 17.04 10.07
N ASP B 295 12.90 17.74 11.17
CA ASP B 295 13.33 17.09 12.40
C ASP B 295 12.20 16.21 12.95
N PHE B 296 10.97 16.71 12.86
CA PHE B 296 9.82 15.95 13.33
C PHE B 296 9.62 14.70 12.51
N ALA B 297 9.72 14.82 11.18
CA ALA B 297 9.52 13.64 10.33
C ALA B 297 10.57 12.60 10.64
N ALA B 298 11.79 13.04 10.92
CA ALA B 298 12.87 12.13 11.27
C ALA B 298 12.60 11.38 12.56
N ARG B 299 11.95 12.02 13.53
CA ARG B 299 11.51 11.34 14.78
C ARG B 299 10.58 10.20 14.44
N LEU B 300 9.75 10.38 13.42
CA LEU B 300 8.74 9.37 13.12
C LEU B 300 9.25 8.21 12.26
N GLY B 301 10.44 8.35 11.67
CA GLY B 301 10.96 7.30 10.77
C GLY B 301 10.41 7.37 9.37
N ALA B 302 9.82 8.53 9.04
CA ALA B 302 9.29 8.71 7.70
C ALA B 302 10.43 8.79 6.67
N PRO B 303 10.17 8.39 5.42
CA PRO B 303 11.18 8.59 4.37
C PRO B 303 11.51 10.08 4.25
N SER B 304 12.76 10.39 3.95
CA SER B 304 13.18 11.79 3.99
C SER B 304 13.74 12.26 2.67
N SER B 305 13.79 11.41 1.66
CA SER B 305 14.27 11.88 0.36
C SER B 305 13.42 11.37 -0.77
N LEU B 306 13.38 12.10 -1.87
CA LEU B 306 12.71 11.61 -3.04
C LEU B 306 13.45 10.44 -3.64
N ALA B 307 14.77 10.40 -3.45
CA ALA B 307 15.57 9.26 -3.97
C ALA B 307 15.09 7.97 -3.31
N ALA B 308 14.72 8.02 -2.04
CA ALA B 308 14.28 6.81 -1.33
C ALA B 308 12.91 6.37 -1.83
N LEU B 309 12.18 7.28 -2.48
CA LEU B 309 10.85 6.95 -3.05
C LEU B 309 10.95 6.45 -4.47
N GLY B 310 12.18 6.31 -4.99
CA GLY B 310 12.42 5.77 -6.35
C GLY B 310 12.45 6.84 -7.43
N VAL B 311 12.45 8.11 -7.03
CA VAL B 311 12.57 9.20 -7.99
C VAL B 311 14.00 9.23 -8.51
N GLY B 312 14.15 9.46 -9.82
CA GLY B 312 15.48 9.48 -10.41
C GLY B 312 15.91 10.90 -10.67
N ALA B 313 17.23 11.10 -10.71
CA ALA B 313 17.78 12.44 -10.97
C ALA B 313 17.15 13.08 -12.23
N ASP B 314 16.89 12.26 -13.24
CA ASP B 314 16.32 12.73 -14.51
C ASP B 314 14.87 13.21 -14.46
N ASP B 315 14.17 12.94 -13.35
CA ASP B 315 12.76 13.30 -13.25
C ASP B 315 12.54 14.70 -12.77
N LEU B 316 13.56 15.27 -12.13
CA LEU B 316 13.44 16.57 -11.48
C LEU B 316 13.10 17.71 -12.44
N ASP B 317 13.74 17.70 -13.62
CA ASP B 317 13.51 18.72 -14.64
C ASP B 317 12.08 18.77 -15.17
N PRO B 318 11.58 17.66 -15.76
CA PRO B 318 10.17 17.71 -16.18
C PRO B 318 9.21 18.04 -15.03
N ALA B 320 9.73 20.16 -12.31
CA ALA B 320 9.73 21.59 -12.11
C ALA B 320 8.91 22.31 -13.20
N GLU B 321 9.00 21.85 -14.44
CA GLU B 321 8.25 22.49 -15.53
C GLU B 321 6.77 22.27 -15.36
N LEU B 322 6.40 21.02 -15.11
CA LEU B 322 5.03 20.62 -14.92
C LEU B 322 4.39 21.34 -13.72
N ALA B 323 5.22 21.65 -12.71
CA ALA B 323 4.75 22.29 -11.48
C ALA B 323 4.40 23.76 -11.73
N THR B 324 5.05 24.36 -12.72
CA THR B 324 4.89 25.76 -13.06
C THR B 324 3.98 26.00 -14.28
N ALA B 325 3.49 24.93 -14.89
CA ALA B 325 2.58 25.01 -16.04
C ALA B 325 1.30 25.81 -15.79
N ASN B 326 0.67 25.62 -14.62
CA ASN B 326 -0.45 26.44 -14.19
C ASN B 326 -0.03 27.44 -13.13
N PRO B 327 -0.11 28.76 -13.45
CA PRO B 327 0.01 29.76 -12.37
C PRO B 327 -1.08 29.56 -11.33
N TYR B 328 -0.70 29.64 -10.05
CA TYR B 328 -1.65 29.61 -8.95
C TYR B 328 -1.10 30.48 -7.81
N TRP B 329 -1.94 30.72 -6.81
CA TRP B 329 -1.58 31.62 -5.71
C TRP B 329 -0.76 30.97 -4.58
N CYS B 330 0.28 31.69 -4.17
CA CYS B 330 1.18 31.30 -3.09
C CYS B 330 1.69 32.60 -2.48
N PRO B 331 1.94 32.66 -1.14
CA PRO B 331 2.53 33.89 -0.54
C PRO B 331 3.91 34.29 -1.09
N ARG B 332 4.65 33.32 -1.59
CA ARG B 332 5.93 33.54 -2.25
C ARG B 332 5.73 33.19 -3.71
N PRO B 333 6.09 34.10 -4.63
CA PRO B 333 6.07 33.75 -6.05
C PRO B 333 6.76 32.42 -6.32
N ILE B 334 6.11 31.59 -7.12
CA ILE B 334 6.70 30.34 -7.51
C ILE B 334 7.55 30.63 -8.76
N GLU B 335 8.83 30.29 -8.69
CA GLU B 335 9.71 30.44 -9.85
C GLU B 335 10.26 29.05 -10.21
N LYS B 336 10.21 28.70 -11.49
CA LYS B 336 10.61 27.36 -11.93
C LYS B 336 12.00 26.98 -11.42
N THR B 337 12.97 27.90 -11.53
CA THR B 337 14.31 27.76 -10.95
C THR B 337 14.24 27.32 -9.50
N ALA B 338 13.50 28.08 -8.70
CA ALA B 338 13.41 27.87 -7.28
C ALA B 338 12.71 26.53 -6.97
N ILE B 339 11.72 26.15 -7.77
CA ILE B 339 11.05 24.85 -7.61
C ILE B 339 12.03 23.72 -7.93
N ARG B 340 12.83 23.91 -8.97
CA ARG B 340 13.91 22.95 -9.30
C ARG B 340 14.87 22.75 -8.12
N ASP B 341 15.33 23.82 -7.50
CA ASP B 341 16.25 23.68 -6.36
C ASP B 341 15.61 23.02 -5.15
N LEU B 342 14.33 23.34 -4.93
CA LEU B 342 13.59 22.75 -3.81
C LEU B 342 13.54 21.24 -4.05
N LEU B 343 13.18 20.84 -5.27
CA LEU B 343 13.15 19.42 -5.62
C LEU B 343 14.50 18.73 -5.45
N GLN B 344 15.58 19.42 -5.80
CA GLN B 344 16.92 18.85 -5.63
C GLN B 344 17.25 18.64 -4.14
N ARG B 345 16.90 19.62 -3.29
CA ARG B 345 17.12 19.43 -1.85
C ARG B 345 16.28 18.26 -1.29
N ALA B 346 15.04 18.17 -1.74
CA ALA B 346 14.18 17.02 -1.36
C ALA B 346 14.75 15.69 -1.89
N PHE B 347 15.32 15.73 -3.08
CA PHE B 347 15.86 14.50 -3.70
C PHE B 347 17.04 13.98 -2.89
N GLU B 348 17.87 14.90 -2.40
CA GLU B 348 19.05 14.60 -1.58
C GLU B 348 18.66 14.24 -0.16
N GLY B 349 17.47 14.64 0.27
CA GLY B 349 17.05 14.47 1.69
C GLY B 349 17.81 15.44 2.60
N ALA B 350 18.17 16.58 2.04
CA ALA B 350 18.86 17.66 2.75
C ALA B 350 17.90 18.36 3.69
N ARG B 351 18.38 18.80 4.83
CA ARG B 351 17.55 19.52 5.80
C ARG B 351 17.38 20.94 5.28
N PRO B 352 16.14 21.46 5.22
CA PRO B 352 15.94 22.87 4.79
C PRO B 352 16.76 23.82 5.65
#